data_5IJL
#
_entry.id   5IJL
#
_cell.length_a   103.820
_cell.length_b   106.200
_cell.length_c   110.890
_cell.angle_alpha   90.00
_cell.angle_beta   90.00
_cell.angle_gamma   90.00
#
_symmetry.space_group_name_H-M   'P 21 21 21'
#
loop_
_entity.id
_entity.type
_entity.pdbx_description
1 polymer 'DNA polymerase II large subunit'
2 non-polymer 'ZINC ION'
3 water water
#
_entity_poly.entity_id   1
_entity_poly.type   'polypeptide(L)'
_entity_poly.pdbx_seq_one_letter_code
;GTGDGSELPKEMEEYFEMLQREIDKAYEIAKKARAQGKDPSLDVEIPQATDMAGRVESLVGPPGVAKRIRELVKEYGKEI
AALKIVDEIIEGKFGDLGSREKYAEQAVRTALAILTEGIVSAPIEGIANVKIKRNTWADNSEYLALYYAGPIRSSGGTAQ
ALSVLVGDYVRRKLGLDRFKPSEKHIERMVEEVDLYHRAVTRLQYHPSPEEVRLAMRNIPIEITGEATDDVEVSHRDVPG
VETNQLRGGAILVLAEGVLQKAKKLVKYIDKMGIEGWEWLKEFVEAKEKGEPKEEGKEESLAESTLEETKVEVDMGFYYS
LYQKFKEEIAPSDKYAKEVIGGRPLFSDPSKPGGFRLRYGRSRASGFATWGINPATMILVDEFLAIGTQLKTERPGKGAV
VTPVTTIEGPIVKLKDGSVLRVDDYNLALKVREDVEEILYLGDAVIAFGDFVENNQTLLPANYCEEWWILEFVKALKEIY
EVHLEPFTENEEESIEEASDYLEIDPEFLKEMLRDPLRVKPPVELAIHFSEVLGIPLHPYYTLYWNSVEPKDVEKLWRLL
KNYAEIEWSNFRGIKFAKKIVISQEKLGDSKRTLELLGLPHTVRDGNVIVDYPWAAALLTPLGNLNWEFMAKPLYATIDI
INENNEIKLRDRGISWIGARMGRPEKAKERKMKPPVQVLFPIGLAGGSSRDIKKAAEEGKVAEVEIAFFKCPKCGHVGPE
HLCPNCGTRKELLWVCPRCNAEYPESQAEGYNYTCPKCNVKLRPYAKRKIRPSELLNRAMENVKVYGVDKLKGVMGMTSG
WKMPEPLEKGLLRAKNDVYVFKDGTIRFDATDAPITHFRPREIGVSVEKLRELGYTHDFEGKPLVSEDQIVELKPQDIIL
SKEAGRYLLKVAKFVDDLLEKFYGLPRFYNAEKMEDLIGHLVIGLAPHTSAGIVGRIIGFVDALVGYAHPYFHAAKRRNC
DGDEDAVMLLLDALLNFSRYYLPEKRGGKMDAPLVITTRLDPREVDSEVHNMDIVRYYPLEFYEATYELKSPKELVGVIE
RVEDRLGKPEMYYGLKFTHDTDDIAL
;
_entity_poly.pdbx_strand_id   A
#
loop_
_chem_comp.id
_chem_comp.type
_chem_comp.name
_chem_comp.formula
ZN non-polymer 'ZINC ION' 'Zn 2'
#
# COMPACT_ATOMS: atom_id res chain seq x y z
N PRO A 9 -22.18 5.47 8.12
CA PRO A 9 -23.23 5.11 7.16
C PRO A 9 -23.67 3.66 7.36
N LYS A 10 -24.98 3.40 7.22
CA LYS A 10 -25.55 2.06 7.40
C LYS A 10 -25.05 1.05 6.35
N GLU A 11 -24.67 1.53 5.15
CA GLU A 11 -24.15 0.72 4.04
C GLU A 11 -22.79 0.11 4.44
N MET A 12 -21.92 0.93 5.08
CA MET A 12 -20.60 0.50 5.53
C MET A 12 -20.67 -0.41 6.73
N GLU A 13 -21.62 -0.13 7.64
CA GLU A 13 -21.83 -0.95 8.83
C GLU A 13 -22.33 -2.33 8.44
N GLU A 14 -23.26 -2.41 7.47
CA GLU A 14 -23.80 -3.66 6.94
C GLU A 14 -22.70 -4.48 6.27
N TYR A 15 -21.76 -3.80 5.58
CA TYR A 15 -20.61 -4.40 4.90
C TYR A 15 -19.68 -5.06 5.93
N PHE A 16 -19.36 -4.32 7.03
CA PHE A 16 -18.50 -4.84 8.08
C PHE A 16 -19.11 -6.06 8.81
N GLU A 17 -20.45 -6.08 8.92
CA GLU A 17 -21.22 -7.17 9.55
C GLU A 17 -21.21 -8.40 8.66
N MET A 18 -21.30 -8.20 7.32
CA MET A 18 -21.30 -9.25 6.32
C MET A 18 -19.94 -9.95 6.39
N LEU A 19 -18.84 -9.17 6.53
CA LEU A 19 -17.49 -9.69 6.66
C LEU A 19 -17.36 -10.48 7.95
N GLN A 20 -17.95 -9.98 9.08
CA GLN A 20 -17.91 -10.71 10.36
C GLN A 20 -18.57 -12.08 10.24
N ARG A 21 -19.78 -12.15 9.65
CA ARG A 21 -20.48 -13.41 9.40
C ARG A 21 -19.56 -14.38 8.62
N GLU A 22 -18.90 -13.88 7.59
CA GLU A 22 -18.02 -14.70 6.74
C GLU A 22 -16.76 -15.13 7.47
N ILE A 23 -16.19 -14.25 8.32
CA ILE A 23 -15.00 -14.54 9.12
C ILE A 23 -15.34 -15.63 10.15
N ASP A 24 -16.47 -15.44 10.87
CA ASP A 24 -16.98 -16.35 11.90
C ASP A 24 -17.25 -17.76 11.33
N LYS A 25 -17.81 -17.86 10.12
CA LYS A 25 -18.03 -19.14 9.45
C LYS A 25 -16.70 -19.91 9.26
N ALA A 26 -15.63 -19.19 8.87
CA ALA A 26 -14.27 -19.73 8.66
C ALA A 26 -13.67 -20.20 9.99
N TYR A 27 -13.82 -19.39 11.09
CA TYR A 27 -13.32 -19.75 12.43
C TYR A 27 -14.05 -20.95 13.04
N GLU A 28 -15.36 -21.09 12.81
CA GLU A 28 -16.12 -22.23 13.36
C GLU A 28 -15.64 -23.55 12.78
N ILE A 29 -15.36 -23.58 11.47
CA ILE A 29 -14.85 -24.73 10.72
C ILE A 29 -13.45 -25.10 11.28
N ALA A 30 -12.53 -24.12 11.34
CA ALA A 30 -11.18 -24.32 11.84
C ALA A 30 -11.12 -24.73 13.33
N LYS A 31 -12.03 -24.18 14.18
CA LYS A 31 -12.12 -24.58 15.61
C LYS A 31 -12.47 -26.07 15.72
N LYS A 32 -13.44 -26.54 14.94
CA LYS A 32 -13.83 -27.95 14.88
C LYS A 32 -12.66 -28.82 14.47
N ALA A 33 -11.88 -28.38 13.46
CA ALA A 33 -10.72 -29.10 12.95
C ALA A 33 -9.62 -29.20 14.00
N ARG A 34 -9.33 -28.08 14.68
CA ARG A 34 -8.30 -27.99 15.68
C ARG A 34 -8.62 -28.77 16.95
N ALA A 35 -9.91 -28.79 17.36
CA ALA A 35 -10.43 -29.58 18.49
C ALA A 35 -10.08 -31.08 18.42
N GLN A 36 -9.79 -31.60 17.20
CA GLN A 36 -9.47 -33.02 16.99
C GLN A 36 -8.08 -33.43 17.51
N GLY A 37 -7.19 -32.48 17.78
CA GLY A 37 -5.86 -32.75 18.32
C GLY A 37 -4.80 -33.34 17.39
N LYS A 38 -4.90 -33.04 16.08
CA LYS A 38 -3.95 -33.49 15.05
C LYS A 38 -2.88 -32.44 14.77
N ASP A 39 -3.02 -31.26 15.37
CA ASP A 39 -2.14 -30.13 15.14
C ASP A 39 -1.40 -29.70 16.43
N PRO A 40 -0.42 -28.76 16.36
CA PRO A 40 0.32 -28.36 17.57
C PRO A 40 -0.54 -27.81 18.71
N SER A 41 -1.69 -27.22 18.38
CA SER A 41 -2.62 -26.63 19.34
C SER A 41 -4.01 -27.16 19.07
N LEU A 42 -4.81 -27.25 20.16
CA LEU A 42 -6.21 -27.66 20.15
C LEU A 42 -7.12 -26.48 19.71
N ASP A 43 -6.51 -25.29 19.57
CA ASP A 43 -7.13 -24.04 19.15
C ASP A 43 -6.56 -23.53 17.82
N VAL A 44 -7.34 -22.62 17.16
CA VAL A 44 -6.97 -21.80 15.99
C VAL A 44 -5.94 -20.83 16.59
N GLU A 45 -4.80 -20.67 15.94
CA GLU A 45 -3.68 -19.92 16.48
C GLU A 45 -3.56 -18.50 16.00
N ILE A 46 -4.54 -18.01 15.22
CA ILE A 46 -4.60 -16.65 14.71
C ILE A 46 -5.81 -15.96 15.33
N PRO A 47 -5.62 -15.08 16.32
CA PRO A 47 -6.79 -14.35 16.87
C PRO A 47 -7.22 -13.23 15.91
N GLN A 48 -8.48 -12.79 16.02
CA GLN A 48 -9.02 -11.70 15.20
C GLN A 48 -9.23 -10.42 16.01
N ALA A 49 -9.18 -9.28 15.35
CA ALA A 49 -9.37 -7.97 15.99
C ALA A 49 -9.97 -7.00 15.01
N THR A 50 -10.86 -6.22 15.58
CA THR A 50 -11.50 -5.08 15.03
C THR A 50 -10.63 -3.85 14.80
N ASP A 51 -9.71 -3.60 15.72
CA ASP A 51 -8.93 -2.39 15.79
C ASP A 51 -7.61 -2.57 16.54
N MET A 52 -6.81 -1.54 16.62
CA MET A 52 -5.53 -1.68 17.29
C MET A 52 -5.62 -2.02 18.74
N ALA A 53 -6.60 -1.46 19.44
CA ALA A 53 -6.87 -1.84 20.82
C ALA A 53 -7.10 -3.36 20.95
N GLY A 54 -7.98 -3.92 20.11
CA GLY A 54 -8.27 -5.35 20.05
C GLY A 54 -7.06 -6.18 19.66
N ARG A 55 -6.22 -5.66 18.72
CA ARG A 55 -4.97 -6.35 18.30
C ARG A 55 -4.08 -6.55 19.50
N VAL A 56 -3.91 -5.48 20.35
CA VAL A 56 -3.08 -5.50 21.56
C VAL A 56 -3.57 -6.55 22.53
N GLU A 57 -4.84 -6.49 22.91
CA GLU A 57 -5.43 -7.49 23.81
C GLU A 57 -5.31 -8.94 23.28
N SER A 58 -5.62 -9.14 22.00
CA SER A 58 -5.54 -10.49 21.38
C SER A 58 -4.11 -11.03 21.32
N LEU A 59 -3.11 -10.16 21.12
CA LEU A 59 -1.72 -10.58 21.01
C LEU A 59 -1.07 -10.83 22.34
N VAL A 60 -1.14 -9.85 23.26
CA VAL A 60 -0.41 -9.91 24.53
C VAL A 60 -1.25 -9.61 25.80
N GLY A 61 -2.52 -9.26 25.65
CA GLY A 61 -3.35 -8.90 26.79
C GLY A 61 -2.85 -7.65 27.52
N PRO A 62 -3.15 -7.47 28.82
CA PRO A 62 -3.95 -8.34 29.70
C PRO A 62 -5.44 -8.37 29.36
N PRO A 63 -6.21 -9.31 29.81
CA PRO A 63 -7.64 -9.23 29.47
C PRO A 63 -8.27 -7.93 29.96
N GLY A 64 -9.11 -7.33 29.14
CA GLY A 64 -9.77 -6.07 29.39
C GLY A 64 -9.06 -4.80 29.00
N VAL A 65 -7.86 -4.92 28.45
CA VAL A 65 -7.07 -3.82 27.98
C VAL A 65 -7.59 -3.03 26.76
N ALA A 66 -8.24 -3.70 25.84
CA ALA A 66 -8.69 -3.07 24.64
C ALA A 66 -9.67 -1.95 24.96
N LYS A 67 -10.54 -2.18 25.93
CA LYS A 67 -11.47 -1.16 26.33
C LYS A 67 -10.79 0.09 26.88
N ARG A 68 -9.79 -0.08 27.72
CA ARG A 68 -9.01 1.03 28.25
C ARG A 68 -8.24 1.78 27.21
N ILE A 69 -7.65 1.05 26.28
CA ILE A 69 -6.84 1.60 25.20
C ILE A 69 -7.66 2.59 24.38
N ARG A 70 -8.91 2.21 24.05
CA ARG A 70 -9.81 3.06 23.26
C ARG A 70 -10.08 4.38 23.93
N GLU A 71 -10.37 4.35 25.23
CA GLU A 71 -10.62 5.54 26.06
C GLU A 71 -9.37 6.39 26.16
N LEU A 72 -8.21 5.79 26.51
CA LEU A 72 -6.93 6.47 26.64
C LEU A 72 -6.42 7.10 25.34
N VAL A 73 -6.54 6.38 24.18
CA VAL A 73 -6.16 6.88 22.85
C VAL A 73 -7.04 8.08 22.46
N LYS A 74 -8.36 8.00 22.70
CA LYS A 74 -9.31 9.08 22.42
C LYS A 74 -8.95 10.36 23.24
N GLU A 75 -8.47 10.20 24.47
CA GLU A 75 -8.13 11.34 25.33
C GLU A 75 -6.74 11.87 25.06
N TYR A 76 -5.74 10.98 25.00
CA TYR A 76 -4.32 11.37 24.95
C TYR A 76 -3.53 11.07 23.70
N GLY A 77 -4.03 10.20 22.83
CA GLY A 77 -3.26 9.78 21.68
C GLY A 77 -2.51 8.51 22.04
N LYS A 78 -2.01 7.82 21.04
CA LYS A 78 -1.34 6.51 21.15
C LYS A 78 -0.10 6.48 22.06
N GLU A 79 0.80 7.48 21.95
CA GLU A 79 2.05 7.53 22.72
C GLU A 79 1.86 7.66 24.23
N ILE A 80 1.12 8.67 24.64
CA ILE A 80 0.78 8.87 26.02
C ILE A 80 -0.09 7.75 26.56
N ALA A 81 -0.98 7.25 25.74
CA ALA A 81 -1.82 6.16 26.17
C ALA A 81 -1.01 4.92 26.57
N ALA A 82 0.06 4.64 25.86
CA ALA A 82 0.87 3.48 26.18
C ALA A 82 1.48 3.58 27.57
N LEU A 83 1.96 4.75 27.92
CA LEU A 83 2.44 4.99 29.26
C LEU A 83 1.37 4.89 30.34
N LYS A 84 0.18 5.39 30.09
CA LYS A 84 -0.94 5.30 31.03
C LYS A 84 -1.35 3.85 31.31
N ILE A 85 -1.19 2.97 30.31
CA ILE A 85 -1.52 1.56 30.44
C ILE A 85 -0.49 0.84 31.31
N VAL A 86 0.80 1.14 31.13
CA VAL A 86 1.90 0.62 31.96
C VAL A 86 1.61 0.96 33.44
N ASP A 87 1.22 2.22 33.72
CA ASP A 87 0.90 2.72 35.07
C ASP A 87 -0.20 1.90 35.72
N GLU A 88 -1.30 1.68 34.98
CA GLU A 88 -2.49 0.92 35.39
C GLU A 88 -2.20 -0.55 35.61
N ILE A 89 -1.32 -1.15 34.76
CA ILE A 89 -0.91 -2.56 34.88
C ILE A 89 -0.17 -2.73 36.22
N ILE A 90 0.80 -1.83 36.49
CA ILE A 90 1.64 -1.83 37.69
C ILE A 90 0.81 -1.49 38.95
N GLU A 91 -0.23 -0.65 38.83
CA GLU A 91 -1.14 -0.30 39.95
C GLU A 91 -2.09 -1.47 40.31
N GLY A 92 -2.15 -2.49 39.45
CA GLY A 92 -3.01 -3.66 39.62
C GLY A 92 -4.44 -3.51 39.13
N LYS A 93 -4.70 -2.54 38.22
CA LYS A 93 -6.04 -2.29 37.63
C LYS A 93 -6.51 -3.43 36.71
N PHE A 94 -5.59 -4.31 36.30
CA PHE A 94 -5.90 -5.47 35.44
C PHE A 94 -5.76 -6.80 36.21
N GLY A 95 -5.74 -6.70 37.55
CA GLY A 95 -5.60 -7.81 38.47
C GLY A 95 -4.19 -8.00 39.01
N ASP A 96 -4.05 -8.90 40.00
CA ASP A 96 -2.75 -9.23 40.60
C ASP A 96 -2.00 -10.14 39.62
N LEU A 97 -0.89 -9.65 39.06
CA LEU A 97 -0.12 -10.42 38.10
C LEU A 97 0.95 -11.29 38.73
N GLY A 98 1.14 -11.13 40.02
CA GLY A 98 2.09 -11.88 40.79
C GLY A 98 3.41 -11.22 41.09
N SER A 99 4.49 -11.74 40.53
CA SER A 99 5.81 -11.17 40.79
C SER A 99 6.05 -9.85 40.08
N ARG A 100 6.97 -9.04 40.58
CA ARG A 100 7.34 -7.78 39.92
C ARG A 100 7.80 -8.05 38.48
N GLU A 101 8.43 -9.20 38.26
CA GLU A 101 8.91 -9.67 36.95
C GLU A 101 7.74 -9.96 36.00
N LYS A 102 6.61 -10.48 36.52
CA LYS A 102 5.42 -10.75 35.70
C LYS A 102 4.70 -9.45 35.33
N TYR A 103 4.76 -8.46 36.23
CA TYR A 103 4.18 -7.12 36.01
C TYR A 103 5.02 -6.40 34.95
N ALA A 104 6.37 -6.54 35.03
CA ALA A 104 7.35 -5.94 34.11
C ALA A 104 7.14 -6.50 32.70
N GLU A 105 7.04 -7.83 32.59
CA GLU A 105 6.81 -8.52 31.33
C GLU A 105 5.50 -8.08 30.68
N GLN A 106 4.40 -8.02 31.45
CA GLN A 106 3.10 -7.63 30.91
C GLN A 106 3.13 -6.17 30.43
N ALA A 107 3.65 -5.26 31.25
CA ALA A 107 3.71 -3.82 30.91
C ALA A 107 4.61 -3.59 29.68
N VAL A 108 5.74 -4.32 29.57
CA VAL A 108 6.64 -4.21 28.42
C VAL A 108 5.93 -4.62 27.09
N ARG A 109 5.34 -5.83 27.03
CA ARG A 109 4.66 -6.35 25.85
C ARG A 109 3.49 -5.47 25.42
N THR A 110 2.62 -5.09 26.38
CA THR A 110 1.43 -4.27 26.13
C THR A 110 1.80 -2.87 25.62
N ALA A 111 2.68 -2.15 26.33
CA ALA A 111 3.08 -0.81 25.90
C ALA A 111 3.78 -0.84 24.53
N LEU A 112 4.66 -1.81 24.28
CA LEU A 112 5.32 -1.89 22.97
C LEU A 112 4.33 -2.20 21.85
N ALA A 113 3.34 -3.09 22.10
CA ALA A 113 2.31 -3.43 21.13
C ALA A 113 1.45 -2.19 20.83
N ILE A 114 1.17 -1.35 21.85
CA ILE A 114 0.39 -0.10 21.65
C ILE A 114 1.12 0.88 20.74
N LEU A 115 2.42 1.11 21.00
CA LEU A 115 3.29 2.03 20.26
C LEU A 115 3.52 1.59 18.81
N THR A 116 3.49 0.29 18.57
CA THR A 116 3.69 -0.30 17.25
C THR A 116 2.34 -0.72 16.59
N GLU A 117 1.23 -0.26 17.21
CA GLU A 117 -0.16 -0.42 16.77
C GLU A 117 -0.62 -1.89 16.60
N GLY A 118 0.13 -2.82 17.20
CA GLY A 118 -0.14 -4.25 17.13
C GLY A 118 0.11 -4.83 15.75
N ILE A 119 0.91 -4.12 14.92
CA ILE A 119 1.27 -4.39 13.52
C ILE A 119 2.52 -5.26 13.36
N VAL A 120 3.44 -5.25 14.34
CA VAL A 120 4.72 -5.99 14.30
C VAL A 120 4.82 -7.09 15.37
N SER A 121 5.77 -8.01 15.21
CA SER A 121 5.91 -9.16 16.14
C SER A 121 6.82 -8.95 17.34
N ALA A 122 7.50 -7.78 17.46
CA ALA A 122 8.40 -7.52 18.60
C ALA A 122 7.81 -7.92 19.95
N PRO A 123 6.52 -7.58 20.30
CA PRO A 123 6.00 -7.99 21.63
C PRO A 123 5.81 -9.50 21.82
N ILE A 124 5.82 -10.29 20.73
CA ILE A 124 5.61 -11.74 20.82
C ILE A 124 6.91 -12.50 20.51
N GLU A 125 7.43 -12.39 19.28
CA GLU A 125 8.61 -13.11 18.79
C GLU A 125 9.94 -12.46 19.18
N GLY A 126 9.95 -11.13 19.29
CA GLY A 126 11.15 -10.36 19.55
C GLY A 126 11.71 -10.38 20.97
N ILE A 127 10.82 -10.31 21.95
CA ILE A 127 11.22 -10.35 23.35
C ILE A 127 10.90 -11.74 23.86
N ALA A 128 11.95 -12.48 24.22
CA ALA A 128 11.83 -13.82 24.79
C ALA A 128 11.51 -13.70 26.28
N ASN A 129 12.16 -12.72 26.97
CA ASN A 129 12.00 -12.55 28.40
C ASN A 129 12.30 -11.17 28.93
N VAL A 130 11.75 -10.89 30.11
CA VAL A 130 11.96 -9.65 30.86
C VAL A 130 12.38 -10.11 32.28
N LYS A 131 13.60 -9.76 32.74
CA LYS A 131 14.07 -10.20 34.07
C LYS A 131 14.55 -9.08 34.98
N ILE A 132 14.34 -9.23 36.31
CA ILE A 132 14.86 -8.31 37.34
C ILE A 132 16.16 -8.98 37.76
N LYS A 133 17.29 -8.25 37.69
CA LYS A 133 18.60 -8.78 38.04
C LYS A 133 19.35 -7.77 38.92
N ARG A 134 20.54 -8.14 39.43
CA ARG A 134 21.34 -7.25 40.29
C ARG A 134 22.72 -6.94 39.72
N ASN A 135 23.22 -5.72 39.99
CA ASN A 135 24.55 -5.28 39.56
C ASN A 135 25.59 -5.78 40.60
N THR A 136 25.72 -7.14 40.71
CA THR A 136 26.56 -7.87 41.68
C THR A 136 28.03 -7.43 41.68
N TRP A 137 28.58 -7.08 40.51
CA TRP A 137 29.95 -6.60 40.30
C TRP A 137 30.07 -5.14 40.77
N ALA A 138 28.93 -4.45 40.95
CA ALA A 138 28.89 -3.05 41.36
C ALA A 138 28.42 -2.46 42.72
N ASP A 139 27.09 -2.28 42.90
CA ASP A 139 26.40 -1.92 44.15
C ASP A 139 25.30 -2.91 44.58
N ASN A 140 25.12 -4.03 43.82
CA ASN A 140 24.11 -5.07 44.01
C ASN A 140 22.66 -4.51 43.85
N SER A 141 22.52 -3.32 43.22
CA SER A 141 21.21 -2.73 42.99
C SER A 141 20.44 -3.45 41.88
N GLU A 142 19.10 -3.54 42.02
CA GLU A 142 18.23 -4.20 41.05
C GLU A 142 18.06 -3.38 39.78
N TYR A 143 17.89 -4.07 38.66
CA TYR A 143 17.72 -3.45 37.35
C TYR A 143 16.93 -4.37 36.41
N LEU A 144 16.40 -3.81 35.31
CA LEU A 144 15.65 -4.56 34.31
C LEU A 144 16.48 -4.93 33.09
N ALA A 145 16.29 -6.17 32.63
CA ALA A 145 16.92 -6.73 31.46
C ALA A 145 15.86 -7.23 30.50
N LEU A 146 16.05 -6.95 29.20
CA LEU A 146 15.17 -7.48 28.14
C LEU A 146 15.97 -8.51 27.38
N TYR A 147 15.41 -9.72 27.25
CA TYR A 147 16.03 -10.83 26.53
C TYR A 147 15.41 -10.88 25.16
N TYR A 148 16.19 -10.49 24.17
CA TYR A 148 15.77 -10.40 22.80
C TYR A 148 16.10 -11.67 22.02
N ALA A 149 15.19 -12.08 21.14
CA ALA A 149 15.39 -13.25 20.29
C ALA A 149 15.71 -12.75 18.88
N GLY A 150 16.49 -13.51 18.13
CA GLY A 150 16.85 -13.19 16.74
C GLY A 150 15.70 -12.71 15.86
N PRO A 151 14.47 -13.30 15.92
CA PRO A 151 13.36 -12.81 15.08
C PRO A 151 12.88 -11.37 15.34
N ILE A 152 13.51 -10.63 16.30
CA ILE A 152 13.24 -9.20 16.58
C ILE A 152 13.44 -8.41 15.27
N ARG A 153 14.37 -8.87 14.38
CA ARG A 153 14.73 -8.24 13.10
C ARG A 153 13.53 -7.99 12.18
N SER A 154 12.55 -8.91 12.18
CA SER A 154 11.30 -8.86 11.42
C SER A 154 10.43 -7.62 11.73
N SER A 155 10.66 -6.94 12.89
CA SER A 155 9.83 -5.80 13.31
C SER A 155 10.35 -4.43 12.89
N GLY A 156 11.58 -4.36 12.38
CA GLY A 156 12.22 -3.12 11.96
C GLY A 156 12.87 -2.40 13.12
N GLY A 157 13.75 -1.46 12.81
CA GLY A 157 14.50 -0.68 13.79
C GLY A 157 13.68 0.19 14.74
N THR A 158 12.61 0.84 14.23
CA THR A 158 11.77 1.74 15.05
C THR A 158 11.18 0.97 16.23
N ALA A 159 10.62 -0.25 15.98
CA ALA A 159 10.06 -1.14 17.00
C ALA A 159 11.14 -1.57 18.03
N GLN A 160 12.37 -1.84 17.55
CA GLN A 160 13.52 -2.23 18.39
C GLN A 160 13.96 -1.12 19.35
N ALA A 161 14.03 0.13 18.84
CA ALA A 161 14.39 1.32 19.62
C ALA A 161 13.32 1.62 20.67
N LEU A 162 12.03 1.50 20.29
CA LEU A 162 10.89 1.74 21.19
C LEU A 162 10.82 0.72 22.34
N SER A 163 11.24 -0.57 22.09
CA SER A 163 11.29 -1.60 23.15
C SER A 163 12.22 -1.21 24.31
N VAL A 164 13.33 -0.55 24.00
CA VAL A 164 14.31 -0.03 24.95
C VAL A 164 13.70 1.09 25.80
N LEU A 165 13.02 2.06 25.15
CA LEU A 165 12.36 3.19 25.80
C LEU A 165 11.19 2.71 26.70
N VAL A 166 10.44 1.68 26.24
CA VAL A 166 9.37 1.03 26.99
C VAL A 166 9.98 0.35 28.24
N GLY A 167 11.06 -0.41 28.06
CA GLY A 167 11.79 -1.07 29.14
C GLY A 167 12.25 -0.10 30.23
N ASP A 168 12.75 1.07 29.80
CA ASP A 168 13.18 2.12 30.70
C ASP A 168 12.00 2.73 31.45
N TYR A 169 10.86 2.99 30.78
CA TYR A 169 9.70 3.55 31.46
C TYR A 169 9.14 2.59 32.51
N VAL A 170 9.04 1.30 32.14
CA VAL A 170 8.54 0.19 32.97
C VAL A 170 9.40 0.02 34.24
N ARG A 171 10.74 0.00 34.08
CA ARG A 171 11.65 -0.17 35.22
C ARG A 171 11.55 1.01 36.19
N ARG A 172 11.37 2.25 35.67
CA ARG A 172 11.17 3.46 36.48
C ARG A 172 9.89 3.37 37.29
N LYS A 173 8.79 2.86 36.68
CA LYS A 173 7.50 2.73 37.36
C LYS A 173 7.52 1.63 38.43
N LEU A 174 8.42 0.63 38.29
CA LEU A 174 8.65 -0.44 39.28
C LEU A 174 9.70 -0.04 40.33
N GLY A 175 10.22 1.18 40.22
CA GLY A 175 11.21 1.74 41.13
C GLY A 175 12.56 1.07 41.09
N LEU A 176 12.92 0.46 39.95
CA LEU A 176 14.19 -0.23 39.81
C LEU A 176 15.29 0.74 39.46
N ASP A 177 16.54 0.36 39.74
CA ASP A 177 17.66 1.23 39.41
C ASP A 177 18.03 1.02 37.92
N ARG A 178 19.10 1.65 37.50
CA ARG A 178 19.68 1.63 36.17
C ARG A 178 20.60 0.41 36.09
N PHE A 179 20.76 -0.15 34.87
CA PHE A 179 21.73 -1.21 34.60
C PHE A 179 23.09 -0.44 34.60
N LYS A 180 24.10 -0.98 35.33
CA LYS A 180 25.42 -0.36 35.53
C LYS A 180 26.51 -1.33 35.08
N PRO A 181 26.64 -1.53 33.74
CA PRO A 181 27.60 -2.53 33.23
C PRO A 181 29.04 -2.31 33.66
N SER A 182 29.77 -3.41 33.83
CA SER A 182 31.19 -3.38 34.16
C SER A 182 31.91 -3.06 32.85
N GLU A 183 33.23 -2.77 32.89
CA GLU A 183 33.99 -2.52 31.67
C GLU A 183 34.04 -3.79 30.77
N LYS A 184 33.98 -4.98 31.41
CA LYS A 184 33.95 -6.27 30.73
C LYS A 184 32.61 -6.47 30.01
N HIS A 185 31.51 -5.89 30.56
CA HIS A 185 30.19 -5.94 29.93
C HIS A 185 30.22 -5.11 28.62
N ILE A 186 30.80 -3.93 28.69
CA ILE A 186 30.90 -3.07 27.56
C ILE A 186 31.76 -3.60 26.43
N GLU A 187 32.92 -4.15 26.77
CA GLU A 187 33.82 -4.71 25.78
C GLU A 187 33.33 -5.98 25.09
N ARG A 188 32.60 -6.82 25.80
CA ARG A 188 32.00 -8.01 25.24
C ARG A 188 31.00 -7.61 24.19
N MET A 189 30.24 -6.57 24.47
CA MET A 189 29.33 -6.03 23.50
C MET A 189 30.04 -5.44 22.30
N VAL A 190 31.17 -4.79 22.51
CA VAL A 190 31.94 -4.26 21.40
C VAL A 190 32.43 -5.38 20.51
N GLU A 191 32.90 -6.45 21.13
CA GLU A 191 33.33 -7.64 20.44
C GLU A 191 32.21 -8.32 19.69
N GLU A 192 31.06 -8.45 20.34
CA GLU A 192 29.91 -9.15 19.78
C GLU A 192 29.39 -8.49 18.52
N VAL A 193 29.32 -7.17 18.54
CA VAL A 193 28.87 -6.42 17.41
C VAL A 193 29.79 -6.60 16.21
N ASP A 194 31.09 -6.59 16.45
CA ASP A 194 32.13 -6.81 15.45
C ASP A 194 32.02 -8.20 14.80
N LEU A 195 31.90 -9.27 15.61
CA LEU A 195 31.82 -10.67 15.16
C LEU A 195 30.49 -10.97 14.46
N TYR A 196 29.38 -10.35 14.94
CA TYR A 196 28.06 -10.51 14.33
C TYR A 196 28.01 -9.92 12.91
N HIS A 197 28.48 -8.65 12.75
CA HIS A 197 28.53 -7.90 11.50
C HIS A 197 29.45 -8.55 10.47
N ARG A 198 30.63 -8.96 10.93
CA ARG A 198 31.64 -9.63 10.12
C ARG A 198 31.14 -10.95 9.50
N ALA A 199 30.50 -11.87 10.28
CA ALA A 199 30.18 -13.18 9.72
C ALA A 199 28.75 -13.71 9.88
N VAL A 200 27.88 -13.00 10.63
CA VAL A 200 26.50 -13.46 10.78
C VAL A 200 25.56 -12.66 9.84
N THR A 201 25.40 -11.36 10.12
CA THR A 201 24.56 -10.47 9.33
C THR A 201 25.17 -9.08 9.31
N ARG A 202 25.25 -8.48 8.11
CA ARG A 202 25.74 -7.13 7.91
C ARG A 202 24.70 -6.17 8.44
N LEU A 203 25.09 -5.35 9.41
CA LEU A 203 24.18 -4.41 10.06
C LEU A 203 23.81 -3.24 9.16
N GLN A 204 22.49 -2.88 9.13
CA GLN A 204 21.95 -1.76 8.34
C GLN A 204 22.64 -0.46 8.71
N TYR A 205 23.08 -0.39 9.97
CA TYR A 205 23.90 0.66 10.56
C TYR A 205 24.97 -0.03 11.42
N HIS A 206 26.24 0.06 10.97
CA HIS A 206 27.39 -0.54 11.66
C HIS A 206 28.07 0.51 12.55
N PRO A 207 27.81 0.48 13.87
CA PRO A 207 28.41 1.51 14.73
C PRO A 207 29.89 1.29 14.98
N SER A 208 30.59 2.38 15.26
CA SER A 208 32.01 2.38 15.58
C SER A 208 32.12 1.81 17.00
N PRO A 209 33.27 1.23 17.41
CA PRO A 209 33.40 0.73 18.78
C PRO A 209 33.06 1.75 19.89
N GLU A 210 33.34 3.04 19.64
CA GLU A 210 33.05 4.09 20.63
C GLU A 210 31.56 4.41 20.75
N GLU A 211 30.80 4.24 19.66
CA GLU A 211 29.34 4.43 19.64
C GLU A 211 28.66 3.32 20.44
N VAL A 212 29.21 2.09 20.36
CA VAL A 212 28.72 0.92 21.10
C VAL A 212 28.95 1.22 22.60
N ARG A 213 30.15 1.70 22.99
CA ARG A 213 30.46 2.10 24.37
C ARG A 213 29.49 3.17 24.87
N LEU A 214 29.22 4.22 24.03
CA LEU A 214 28.28 5.30 24.37
C LEU A 214 26.89 4.72 24.71
N ALA A 215 26.32 3.90 23.81
CA ALA A 215 25.03 3.24 24.00
C ALA A 215 25.02 2.42 25.30
N MET A 216 26.02 1.55 25.46
CA MET A 216 26.25 0.63 26.59
C MET A 216 26.35 1.35 27.95
N ARG A 217 27.06 2.49 27.99
CA ARG A 217 27.23 3.26 29.22
C ARG A 217 25.97 4.10 29.55
N ASN A 218 25.08 4.32 28.58
CA ASN A 218 23.92 5.18 28.81
C ASN A 218 22.52 4.51 28.71
N ILE A 219 22.39 3.31 28.11
CA ILE A 219 21.08 2.62 28.10
C ILE A 219 20.78 2.12 29.55
N PRO A 220 19.65 2.58 30.16
CA PRO A 220 19.40 2.24 31.56
C PRO A 220 18.87 0.82 31.84
N ILE A 221 18.62 0.03 30.78
CA ILE A 221 18.21 -1.37 30.90
C ILE A 221 19.32 -2.23 30.28
N GLU A 222 19.33 -3.54 30.60
CA GLU A 222 20.30 -4.42 29.97
C GLU A 222 19.67 -4.97 28.69
N ILE A 223 20.31 -4.73 27.52
CA ILE A 223 19.94 -5.22 26.18
C ILE A 223 20.68 -6.55 26.13
N THR A 224 19.96 -7.66 26.24
CA THR A 224 20.57 -8.98 26.31
C THR A 224 19.70 -9.98 25.56
N GLY A 225 19.93 -11.26 25.80
CA GLY A 225 19.19 -12.33 25.15
C GLY A 225 19.96 -13.63 25.22
N GLU A 226 19.32 -14.71 24.75
CA GLU A 226 19.97 -16.01 24.68
C GLU A 226 20.85 -16.00 23.42
N ALA A 227 21.77 -16.96 23.32
CA ALA A 227 22.64 -17.09 22.15
C ALA A 227 21.78 -17.43 20.89
N THR A 228 22.00 -16.69 19.79
CA THR A 228 21.32 -16.90 18.53
C THR A 228 22.25 -17.66 17.56
N ASP A 229 23.58 -17.48 17.70
CA ASP A 229 24.59 -18.10 16.84
C ASP A 229 25.75 -18.74 17.62
N ASP A 230 26.13 -19.98 17.22
CA ASP A 230 27.22 -20.82 17.77
C ASP A 230 28.58 -20.22 17.36
N VAL A 231 28.87 -19.03 17.85
CA VAL A 231 30.11 -18.29 17.54
C VAL A 231 30.66 -17.88 18.90
N GLU A 232 31.79 -18.50 19.32
CA GLU A 232 32.41 -18.28 20.63
C GLU A 232 33.12 -16.92 20.70
N VAL A 233 32.95 -16.22 21.85
CA VAL A 233 33.58 -14.92 22.12
C VAL A 233 34.85 -15.09 22.99
N SER A 234 35.66 -14.01 23.15
CA SER A 234 36.87 -14.01 23.99
C SER A 234 36.63 -13.35 25.38
N HIS A 235 35.65 -12.43 25.51
CA HIS A 235 35.30 -11.80 26.79
C HIS A 235 34.27 -12.71 27.45
N ARG A 236 34.75 -13.87 27.95
CA ARG A 236 33.95 -14.96 28.52
C ARG A 236 33.62 -14.85 30.00
N ASP A 237 32.58 -15.57 30.42
CA ASP A 237 32.10 -15.71 31.80
C ASP A 237 31.95 -14.36 32.50
N VAL A 238 31.22 -13.44 31.84
CA VAL A 238 30.91 -12.10 32.36
C VAL A 238 29.73 -12.29 33.33
N PRO A 239 29.78 -11.76 34.59
CA PRO A 239 28.62 -11.91 35.49
C PRO A 239 27.33 -11.38 34.85
N GLY A 240 26.26 -12.18 34.93
CA GLY A 240 24.96 -11.80 34.37
C GLY A 240 24.73 -12.15 32.91
N VAL A 241 25.80 -12.54 32.19
CA VAL A 241 25.74 -12.95 30.78
C VAL A 241 25.93 -14.49 30.78
N GLU A 242 24.80 -15.21 30.73
CA GLU A 242 24.69 -16.67 30.85
C GLU A 242 25.05 -17.47 29.57
N THR A 243 25.75 -16.82 28.60
CA THR A 243 26.24 -17.43 27.36
C THR A 243 27.62 -16.87 27.00
N ASN A 244 28.39 -17.62 26.21
CA ASN A 244 29.72 -17.22 25.71
C ASN A 244 29.70 -17.20 24.20
N GLN A 245 28.48 -17.12 23.66
CA GLN A 245 28.15 -17.06 22.25
C GLN A 245 27.43 -15.73 21.93
N LEU A 246 27.16 -15.47 20.63
CA LEU A 246 26.55 -14.21 20.18
C LEU A 246 25.06 -14.09 20.50
N ARG A 247 24.67 -12.95 21.10
CA ARG A 247 23.29 -12.62 21.42
C ARG A 247 22.83 -11.68 20.30
N GLY A 248 22.47 -12.26 19.15
CA GLY A 248 22.04 -11.56 17.94
C GLY A 248 20.89 -10.60 18.11
N GLY A 249 19.89 -10.99 18.90
CA GLY A 249 18.70 -10.19 19.19
C GLY A 249 19.10 -8.87 19.81
N ALA A 250 20.00 -8.91 20.82
CA ALA A 250 20.53 -7.76 21.56
C ALA A 250 21.34 -6.82 20.66
N ILE A 251 22.27 -7.41 19.86
CA ILE A 251 23.14 -6.71 18.90
C ILE A 251 22.27 -5.91 17.93
N LEU A 252 21.24 -6.56 17.35
CA LEU A 252 20.29 -5.93 16.43
C LEU A 252 19.61 -4.72 17.07
N VAL A 253 19.07 -4.88 18.30
CA VAL A 253 18.36 -3.83 19.02
C VAL A 253 19.27 -2.61 19.25
N LEU A 254 20.53 -2.84 19.67
CA LEU A 254 21.53 -1.79 19.93
C LEU A 254 21.89 -0.99 18.66
N ALA A 255 22.26 -1.69 17.58
CA ALA A 255 22.75 -1.07 16.33
C ALA A 255 21.66 -0.66 15.33
N GLU A 256 20.82 -1.62 14.95
CA GLU A 256 19.76 -1.39 13.96
C GLU A 256 18.54 -0.68 14.55
N GLY A 257 18.44 -0.66 15.88
CA GLY A 257 17.36 -0.03 16.61
C GLY A 257 17.73 1.31 17.20
N VAL A 258 18.35 1.30 18.40
CA VAL A 258 18.72 2.50 19.17
C VAL A 258 19.60 3.47 18.35
N LEU A 259 20.68 3.00 17.73
CA LEU A 259 21.59 3.90 17.01
C LEU A 259 21.10 4.31 15.61
N GLN A 260 20.60 3.36 14.80
CA GLN A 260 20.11 3.64 13.45
C GLN A 260 18.91 4.58 13.47
N LYS A 261 17.91 4.24 14.29
CA LYS A 261 16.68 5.01 14.42
C LYS A 261 16.71 6.00 15.60
N ALA A 262 17.91 6.54 15.92
CA ALA A 262 18.11 7.49 17.02
C ALA A 262 17.31 8.80 16.86
N LYS A 263 17.16 9.29 15.60
CA LYS A 263 16.41 10.54 15.29
C LYS A 263 14.91 10.32 15.51
N LYS A 264 14.38 9.16 15.08
CA LYS A 264 12.98 8.81 15.27
C LYS A 264 12.73 8.57 16.76
N LEU A 265 13.70 7.92 17.47
CA LEU A 265 13.58 7.66 18.91
C LEU A 265 13.53 8.93 19.73
N VAL A 266 14.37 9.93 19.39
CA VAL A 266 14.35 11.22 20.14
C VAL A 266 12.99 11.93 20.00
N LYS A 267 12.32 11.83 18.82
CA LYS A 267 10.99 12.40 18.57
C LYS A 267 9.97 11.81 19.56
N TYR A 268 10.06 10.48 19.81
CA TYR A 268 9.20 9.75 20.77
C TYR A 268 9.49 10.18 22.21
N ILE A 269 10.78 10.33 22.58
CA ILE A 269 11.22 10.80 23.89
C ILE A 269 10.63 12.22 24.14
N ASP A 270 10.57 13.06 23.07
CA ASP A 270 10.00 14.40 23.10
C ASP A 270 8.48 14.43 23.24
N LYS A 271 7.76 13.56 22.50
CA LYS A 271 6.28 13.45 22.55
C LYS A 271 5.80 12.90 23.88
N MET A 272 6.67 12.12 24.56
CA MET A 272 6.40 11.42 25.82
C MET A 272 7.00 12.06 27.06
N GLY A 273 7.90 13.02 26.86
CA GLY A 273 8.57 13.73 27.96
C GLY A 273 9.39 12.87 28.92
N ILE A 274 10.09 11.84 28.41
CA ILE A 274 10.91 10.98 29.28
C ILE A 274 12.28 11.63 29.42
N GLU A 275 12.77 11.81 30.65
CA GLU A 275 14.07 12.44 30.88
C GLU A 275 15.21 11.42 30.92
N GLY A 276 16.45 11.89 30.88
CA GLY A 276 17.64 11.05 30.94
C GLY A 276 18.17 10.54 29.60
N TRP A 277 17.72 11.13 28.48
CA TRP A 277 18.13 10.70 27.14
C TRP A 277 18.82 11.79 26.31
N GLU A 278 19.44 12.78 26.99
CA GLU A 278 20.17 13.88 26.35
C GLU A 278 21.39 13.40 25.56
N TRP A 279 22.01 12.28 26.00
CA TRP A 279 23.13 11.60 25.35
C TRP A 279 22.76 11.17 23.92
N LEU A 280 21.48 10.78 23.71
CA LEU A 280 20.99 10.33 22.42
C LEU A 280 20.70 11.52 21.50
N LYS A 281 20.13 12.62 22.05
CA LYS A 281 19.85 13.87 21.31
C LYS A 281 21.17 14.47 20.80
N GLU A 282 22.23 14.42 21.66
CA GLU A 282 23.59 14.86 21.37
C GLU A 282 24.27 13.96 20.31
N PHE A 283 23.90 12.67 20.26
CA PHE A 283 24.41 11.74 19.25
C PHE A 283 23.79 12.08 17.86
N VAL A 284 22.49 12.40 17.83
CA VAL A 284 21.74 12.78 16.63
C VAL A 284 22.29 14.09 16.03
N GLU A 285 22.57 15.11 16.86
CA GLU A 285 23.10 16.39 16.34
C GLU A 285 24.56 16.27 15.87
N ALA A 286 25.35 15.36 16.49
CA ALA A 286 26.74 15.09 16.10
C ALA A 286 26.82 14.41 14.73
N LYS A 287 25.81 13.61 14.36
CA LYS A 287 25.73 12.91 13.08
C LYS A 287 25.34 13.88 11.97
N GLU A 288 24.64 14.96 12.34
CA GLU A 288 24.19 16.02 11.43
C GLU A 288 25.28 17.08 11.25
N LYS A 289 25.99 17.42 12.35
CA LYS A 289 27.10 18.39 12.35
C LYS A 289 28.41 17.65 12.00
N GLY A 290 28.51 17.25 10.72
CA GLY A 290 29.64 16.51 10.18
C GLY A 290 29.26 15.17 9.60
N VAL A 313 18.16 38.23 -34.27
CA VAL A 313 16.76 38.29 -34.70
C VAL A 313 15.81 37.95 -33.50
N ASP A 314 14.61 38.57 -33.49
CA ASP A 314 13.57 38.41 -32.47
C ASP A 314 12.95 37.00 -32.50
N MET A 315 12.37 36.58 -31.36
CA MET A 315 11.78 35.28 -31.12
C MET A 315 10.38 35.43 -30.49
N GLY A 316 9.49 34.47 -30.75
CA GLY A 316 8.17 34.44 -30.17
C GLY A 316 8.18 34.02 -28.71
N PHE A 317 7.18 34.47 -27.93
CA PHE A 317 7.05 34.15 -26.51
C PHE A 317 6.96 32.64 -26.26
N TYR A 318 6.01 31.97 -26.92
CA TYR A 318 5.85 30.54 -26.74
C TYR A 318 7.00 29.74 -27.30
N TYR A 319 7.64 30.19 -28.39
CA TYR A 319 8.77 29.46 -28.96
C TYR A 319 9.88 29.49 -27.91
N SER A 320 10.15 30.68 -27.31
CA SER A 320 11.11 30.90 -26.23
C SER A 320 10.78 30.03 -25.01
N LEU A 321 9.48 30.02 -24.58
CA LEU A 321 9.00 29.22 -23.46
C LEU A 321 9.22 27.72 -23.72
N TYR A 322 8.84 27.21 -24.92
CA TYR A 322 9.04 25.81 -25.30
C TYR A 322 10.52 25.42 -25.32
N GLN A 323 11.41 26.36 -25.74
CA GLN A 323 12.87 26.17 -25.78
C GLN A 323 13.41 25.98 -24.35
N LYS A 324 13.13 26.94 -23.43
CA LYS A 324 13.52 26.90 -22.01
C LYS A 324 12.94 25.66 -21.32
N PHE A 325 11.74 25.23 -21.76
CA PHE A 325 10.97 24.07 -21.29
C PHE A 325 11.72 22.77 -21.58
N LYS A 326 12.45 22.70 -22.72
CA LYS A 326 13.24 21.54 -23.13
C LYS A 326 14.57 21.48 -22.39
N GLU A 327 15.24 22.65 -22.24
CA GLU A 327 16.54 22.82 -21.58
C GLU A 327 16.50 22.55 -20.06
N GLU A 328 15.32 22.74 -19.42
CA GLU A 328 15.08 22.52 -17.99
C GLU A 328 14.59 21.10 -17.74
N PRO A 344 8.15 5.38 -26.58
CA PRO A 344 7.91 4.38 -27.64
C PRO A 344 8.30 4.93 -29.01
N LEU A 345 9.04 4.12 -29.77
CA LEU A 345 9.58 4.49 -31.08
C LEU A 345 8.55 4.60 -32.19
N PHE A 346 7.37 3.95 -32.01
CA PHE A 346 6.24 3.93 -32.95
C PHE A 346 5.29 5.14 -32.76
N SER A 347 5.43 5.87 -31.63
CA SER A 347 4.61 7.04 -31.27
C SER A 347 4.65 8.15 -32.34
N ASP A 348 3.51 8.86 -32.52
CA ASP A 348 3.39 9.95 -33.47
C ASP A 348 4.12 11.18 -32.87
N PRO A 349 5.16 11.73 -33.56
CA PRO A 349 5.86 12.91 -33.00
C PRO A 349 4.94 14.14 -32.89
N SER A 350 4.03 14.30 -33.87
CA SER A 350 3.05 15.40 -33.92
C SER A 350 2.06 15.35 -32.74
N LYS A 351 1.77 14.14 -32.22
CA LYS A 351 0.86 13.92 -31.09
C LYS A 351 1.61 14.01 -29.75
N PRO A 352 1.21 14.90 -28.81
CA PRO A 352 1.87 14.92 -27.51
C PRO A 352 1.33 13.76 -26.67
N GLY A 353 2.23 13.03 -26.03
CA GLY A 353 1.84 11.91 -25.18
C GLY A 353 1.29 12.37 -23.84
N GLY A 354 0.30 11.64 -23.35
CA GLY A 354 -0.28 11.90 -22.04
C GLY A 354 -1.55 12.72 -21.94
N PHE A 355 -1.93 12.96 -20.67
CA PHE A 355 -3.09 13.70 -20.25
C PHE A 355 -2.73 15.19 -20.15
N ARG A 356 -3.73 16.07 -20.38
CA ARG A 356 -3.48 17.50 -20.29
C ARG A 356 -3.46 17.89 -18.81
N LEU A 357 -2.29 18.31 -18.30
CA LEU A 357 -2.09 18.69 -16.90
C LEU A 357 -3.04 19.80 -16.43
N ARG A 358 -3.65 19.59 -15.25
CA ARG A 358 -4.54 20.54 -14.62
C ARG A 358 -4.27 20.57 -13.10
N TYR A 359 -3.72 21.68 -12.60
CA TYR A 359 -3.39 21.84 -11.17
C TYR A 359 -4.60 21.88 -10.27
N GLY A 360 -4.60 21.04 -9.24
CA GLY A 360 -5.67 20.96 -8.27
C GLY A 360 -5.24 21.53 -6.93
N ARG A 361 -6.22 22.07 -6.17
CA ARG A 361 -5.92 22.63 -4.85
C ARG A 361 -6.30 21.60 -3.77
N SER A 362 -5.31 20.75 -3.41
CA SER A 362 -5.42 19.67 -2.42
C SER A 362 -4.08 19.43 -1.71
N TRP A 370 -4.49 11.68 -11.07
CA TRP A 370 -5.48 11.65 -9.99
C TRP A 370 -6.93 11.93 -10.50
N GLY A 371 -7.30 13.18 -10.79
CA GLY A 371 -8.64 13.54 -11.29
C GLY A 371 -8.81 13.33 -12.79
N ILE A 372 -9.69 12.37 -13.20
CA ILE A 372 -9.93 11.96 -14.59
C ILE A 372 -11.44 11.95 -14.96
N ASN A 373 -11.80 12.45 -16.15
CA ASN A 373 -13.19 12.47 -16.63
C ASN A 373 -13.66 11.03 -16.86
N PRO A 374 -14.89 10.64 -16.41
CA PRO A 374 -15.38 9.26 -16.64
C PRO A 374 -15.32 8.79 -18.11
N ALA A 375 -15.45 9.71 -19.10
CA ALA A 375 -15.35 9.40 -20.54
C ALA A 375 -13.93 8.91 -20.93
N THR A 376 -12.87 9.41 -20.24
CA THR A 376 -11.51 8.94 -20.57
C THR A 376 -11.27 7.55 -19.93
N MET A 377 -11.98 7.22 -18.83
CA MET A 377 -11.91 5.89 -18.21
C MET A 377 -12.53 4.83 -19.14
N ILE A 378 -13.61 5.17 -19.85
CA ILE A 378 -14.30 4.29 -20.78
C ILE A 378 -13.52 4.16 -22.09
N LEU A 379 -12.90 5.25 -22.56
CA LEU A 379 -12.23 5.26 -23.86
C LEU A 379 -10.75 4.86 -23.81
N VAL A 380 -10.08 5.06 -22.67
CA VAL A 380 -8.64 4.72 -22.52
C VAL A 380 -8.46 3.49 -21.61
N GLY A 398 2.96 7.24 -5.69
CA GLY A 398 1.76 6.43 -5.92
C GLY A 398 0.56 7.23 -6.37
N ALA A 399 -0.20 6.71 -7.34
CA ALA A 399 -1.37 7.43 -7.87
C ALA A 399 -2.69 6.65 -7.85
N VAL A 400 -3.76 7.34 -7.46
CA VAL A 400 -5.13 6.82 -7.40
C VAL A 400 -6.01 7.71 -8.31
N VAL A 401 -6.77 7.10 -9.23
CA VAL A 401 -7.66 7.78 -10.17
C VAL A 401 -9.05 7.99 -9.55
N THR A 402 -9.62 9.20 -9.71
CA THR A 402 -10.94 9.55 -9.18
C THR A 402 -11.80 10.16 -10.30
N PRO A 403 -13.10 9.80 -10.44
CA PRO A 403 -13.92 10.45 -11.48
C PRO A 403 -14.31 11.89 -11.16
N VAL A 404 -14.03 12.79 -12.13
CA VAL A 404 -14.31 14.23 -12.10
C VAL A 404 -15.03 14.53 -13.42
N THR A 405 -16.27 14.95 -13.33
CA THR A 405 -17.13 15.21 -14.48
C THR A 405 -17.02 16.62 -15.07
N THR A 406 -16.39 17.56 -14.34
CA THR A 406 -16.25 18.96 -14.73
C THR A 406 -15.06 19.22 -15.67
N ILE A 407 -14.02 18.37 -15.59
CA ILE A 407 -12.84 18.48 -16.45
C ILE A 407 -13.10 17.82 -17.81
N GLU A 408 -12.23 18.07 -18.79
CA GLU A 408 -12.38 17.56 -20.15
C GLU A 408 -11.93 16.13 -20.34
N GLY A 409 -12.67 15.44 -21.21
CA GLY A 409 -12.41 14.06 -21.61
C GLY A 409 -11.62 14.02 -22.90
N PRO A 410 -11.55 12.85 -23.57
CA PRO A 410 -10.74 12.77 -24.81
C PRO A 410 -11.32 13.43 -26.05
N ILE A 411 -10.45 13.64 -27.05
CA ILE A 411 -10.80 14.11 -28.39
C ILE A 411 -10.56 12.89 -29.27
N VAL A 412 -11.62 12.39 -29.87
CA VAL A 412 -11.58 11.19 -30.71
C VAL A 412 -11.90 11.46 -32.16
N LYS A 413 -11.33 10.61 -33.02
CA LYS A 413 -11.53 10.53 -34.45
C LYS A 413 -12.26 9.22 -34.68
N LEU A 414 -13.38 9.29 -35.39
CA LEU A 414 -14.17 8.11 -35.69
C LEU A 414 -13.77 7.46 -37.01
N LYS A 415 -14.28 6.24 -37.28
CA LYS A 415 -14.00 5.47 -38.49
C LYS A 415 -14.36 6.23 -39.78
N ASP A 416 -15.45 7.03 -39.73
CA ASP A 416 -15.94 7.88 -40.83
C ASP A 416 -15.08 9.18 -41.06
N GLY A 417 -14.08 9.42 -40.19
CA GLY A 417 -13.23 10.61 -40.24
C GLY A 417 -13.63 11.76 -39.31
N SER A 418 -14.89 11.74 -38.80
CA SER A 418 -15.40 12.76 -37.88
C SER A 418 -14.56 12.89 -36.60
N VAL A 419 -14.37 14.12 -36.12
CA VAL A 419 -13.60 14.41 -34.91
C VAL A 419 -14.54 15.01 -33.85
N LEU A 420 -14.46 14.51 -32.62
CA LEU A 420 -15.39 14.90 -31.56
C LEU A 420 -14.75 14.95 -30.19
N ARG A 421 -15.20 15.90 -29.36
CA ARG A 421 -14.78 16.00 -27.96
C ARG A 421 -15.74 15.10 -27.21
N VAL A 422 -15.23 14.30 -26.28
CA VAL A 422 -16.11 13.40 -25.54
C VAL A 422 -16.00 13.76 -24.05
N ASP A 423 -16.93 14.57 -23.54
CA ASP A 423 -16.78 15.04 -22.15
C ASP A 423 -17.72 14.41 -21.11
N ASP A 424 -18.55 13.44 -21.51
CA ASP A 424 -19.48 12.75 -20.59
C ASP A 424 -19.48 11.24 -20.83
N TYR A 425 -19.88 10.48 -19.78
CA TYR A 425 -19.98 9.02 -19.72
C TYR A 425 -20.88 8.44 -20.83
N ASN A 426 -22.07 9.04 -21.05
CA ASN A 426 -23.06 8.57 -22.04
C ASN A 426 -22.60 8.67 -23.49
N LEU A 427 -21.89 9.76 -23.84
CA LEU A 427 -21.36 9.96 -25.18
C LEU A 427 -20.19 9.00 -25.47
N ALA A 428 -19.36 8.70 -24.44
CA ALA A 428 -18.24 7.76 -24.50
C ALA A 428 -18.73 6.37 -24.88
N LEU A 429 -19.88 5.94 -24.32
CA LEU A 429 -20.47 4.63 -24.60
C LEU A 429 -21.00 4.56 -26.02
N LYS A 430 -21.65 5.65 -26.49
CA LYS A 430 -22.22 5.78 -27.81
C LYS A 430 -21.19 5.70 -28.94
N VAL A 431 -19.99 6.31 -28.75
CA VAL A 431 -18.96 6.37 -29.82
C VAL A 431 -17.91 5.28 -29.71
N ARG A 432 -17.81 4.60 -28.56
CA ARG A 432 -16.81 3.58 -28.24
C ARG A 432 -16.51 2.59 -29.41
N GLU A 433 -17.55 2.02 -30.04
CA GLU A 433 -17.45 1.05 -31.14
C GLU A 433 -16.96 1.67 -32.47
N ASP A 434 -17.09 3.01 -32.59
CA ASP A 434 -16.75 3.77 -33.80
C ASP A 434 -15.43 4.55 -33.71
N VAL A 435 -14.76 4.53 -32.55
CA VAL A 435 -13.48 5.23 -32.36
C VAL A 435 -12.39 4.57 -33.19
N GLU A 436 -11.67 5.38 -33.94
CA GLU A 436 -10.59 4.94 -34.81
C GLU A 436 -9.25 5.38 -34.22
N GLU A 437 -9.22 6.54 -33.51
CA GLU A 437 -8.02 7.10 -32.90
C GLU A 437 -8.36 8.06 -31.77
N ILE A 438 -7.56 8.01 -30.69
CA ILE A 438 -7.67 8.96 -29.58
C ILE A 438 -6.61 10.00 -29.88
N LEU A 439 -7.03 11.23 -30.21
CA LEU A 439 -6.14 12.33 -30.56
C LEU A 439 -5.55 12.95 -29.33
N TYR A 440 -6.39 13.17 -28.31
CA TYR A 440 -6.07 13.77 -27.01
C TYR A 440 -6.77 12.94 -25.96
N LEU A 441 -6.01 12.49 -24.95
CA LEU A 441 -6.43 11.60 -23.88
C LEU A 441 -7.45 12.16 -22.90
N GLY A 442 -7.39 13.45 -22.64
CA GLY A 442 -8.25 14.13 -21.68
C GLY A 442 -7.45 14.82 -20.60
N ASP A 443 -8.09 15.48 -19.65
CA ASP A 443 -7.32 16.12 -18.58
C ASP A 443 -7.02 15.16 -17.44
N ALA A 444 -6.00 15.53 -16.64
CA ALA A 444 -5.61 14.87 -15.40
C ALA A 444 -5.37 15.98 -14.35
N VAL A 445 -6.27 16.06 -13.34
CA VAL A 445 -6.16 17.03 -12.25
C VAL A 445 -5.17 16.44 -11.23
N ILE A 446 -4.04 17.12 -11.08
CA ILE A 446 -2.94 16.73 -10.21
C ILE A 446 -2.76 17.86 -9.21
N ALA A 447 -2.81 17.55 -7.91
CA ALA A 447 -2.61 18.56 -6.87
C ALA A 447 -1.20 19.15 -6.94
N PHE A 448 -1.12 20.49 -6.80
CA PHE A 448 0.16 21.18 -6.83
C PHE A 448 1.07 20.70 -5.69
N GLY A 449 0.44 20.39 -4.54
CA GLY A 449 1.07 19.86 -3.33
C GLY A 449 1.83 18.71 -3.96
N ASP A 450 3.17 18.86 -4.00
CA ASP A 450 4.22 17.94 -4.43
C ASP A 450 5.53 18.73 -4.52
N GLN A 456 12.78 19.97 -8.15
CA GLN A 456 11.34 19.72 -8.34
C GLN A 456 10.77 20.68 -9.42
N THR A 457 11.06 20.36 -10.71
CA THR A 457 10.68 21.14 -11.89
C THR A 457 9.15 21.22 -12.11
N LEU A 458 8.60 22.45 -11.97
CA LEU A 458 7.16 22.69 -12.16
C LEU A 458 6.82 23.12 -13.58
N LEU A 459 5.88 22.39 -14.20
CA LEU A 459 5.44 22.63 -15.58
C LEU A 459 4.60 23.91 -15.77
N PRO A 460 4.72 24.63 -16.92
CA PRO A 460 3.85 25.82 -17.14
C PRO A 460 2.38 25.40 -17.18
N ALA A 461 1.52 26.15 -16.49
CA ALA A 461 0.10 25.81 -16.44
C ALA A 461 -0.55 25.96 -17.82
N ASN A 462 -1.46 25.03 -18.16
CA ASN A 462 -2.24 25.10 -19.39
C ASN A 462 -3.34 26.10 -19.17
N TYR A 463 -3.68 26.90 -20.18
CA TYR A 463 -4.78 27.85 -20.05
C TYR A 463 -6.08 27.05 -19.86
N CYS A 464 -6.82 27.37 -18.79
CA CYS A 464 -8.04 26.67 -18.38
C CYS A 464 -9.04 27.69 -17.79
N GLU A 465 -10.28 27.26 -17.56
CA GLU A 465 -11.37 28.10 -17.02
C GLU A 465 -11.03 28.77 -15.68
N GLU A 466 -10.25 28.07 -14.81
CA GLU A 466 -9.78 28.50 -13.48
C GLU A 466 -8.90 29.73 -13.61
N TRP A 467 -8.09 29.79 -14.67
CA TRP A 467 -7.17 30.88 -14.94
C TRP A 467 -7.94 32.05 -15.65
N TRP A 468 -8.65 31.71 -16.75
CA TRP A 468 -9.45 32.65 -17.51
C TRP A 468 -10.44 33.46 -16.63
N ILE A 469 -11.24 32.81 -15.74
CA ILE A 469 -12.24 33.49 -14.88
C ILE A 469 -11.60 34.56 -14.00
N LEU A 470 -10.34 34.35 -13.59
CA LEU A 470 -9.56 35.27 -12.75
C LEU A 470 -9.14 36.51 -13.53
N GLU A 471 -8.82 36.33 -14.83
CA GLU A 471 -8.42 37.39 -15.74
C GLU A 471 -9.65 38.21 -16.08
N PHE A 472 -10.80 37.52 -16.23
CA PHE A 472 -12.11 38.11 -16.48
C PHE A 472 -12.51 39.05 -15.30
N VAL A 473 -12.38 38.58 -14.04
CA VAL A 473 -12.74 39.42 -12.87
C VAL A 473 -11.74 40.56 -12.63
N LYS A 474 -10.45 40.35 -12.99
CA LYS A 474 -9.40 41.38 -12.86
C LYS A 474 -9.72 42.53 -13.82
N ALA A 475 -10.13 42.19 -15.06
CA ALA A 475 -10.51 43.15 -16.11
C ALA A 475 -11.73 43.95 -15.70
N LEU A 476 -12.73 43.32 -15.06
CA LEU A 476 -13.89 44.08 -14.59
C LEU A 476 -13.50 45.10 -13.54
N LYS A 477 -12.56 44.74 -12.64
CA LYS A 477 -12.07 45.60 -11.57
C LYS A 477 -11.27 46.76 -12.16
N GLU A 478 -10.33 46.45 -13.06
CA GLU A 478 -9.47 47.44 -13.69
C GLU A 478 -10.21 48.44 -14.58
N ILE A 479 -11.13 47.93 -15.41
CA ILE A 479 -11.87 48.74 -16.36
C ILE A 479 -13.04 49.47 -15.70
N TYR A 480 -13.93 48.73 -15.01
CA TYR A 480 -15.19 49.27 -14.48
C TYR A 480 -15.28 49.42 -12.99
N GLU A 481 -14.22 49.07 -12.22
CA GLU A 481 -14.21 49.09 -10.76
C GLU A 481 -15.33 48.20 -10.14
N VAL A 482 -15.72 47.13 -10.86
CA VAL A 482 -16.70 46.16 -10.38
C VAL A 482 -15.90 45.04 -9.72
N HIS A 483 -16.25 44.73 -8.45
CA HIS A 483 -15.56 43.71 -7.68
CA HIS A 483 -15.56 43.70 -7.67
C HIS A 483 -16.37 42.41 -7.62
N LEU A 484 -15.85 41.36 -8.26
CA LEU A 484 -16.46 40.04 -8.32
C LEU A 484 -15.45 38.96 -7.96
N GLU A 485 -15.95 37.86 -7.40
CA GLU A 485 -15.11 36.74 -7.01
C GLU A 485 -15.59 35.44 -7.64
N PRO A 486 -14.67 34.64 -8.23
CA PRO A 486 -15.10 33.34 -8.77
C PRO A 486 -15.29 32.32 -7.65
N PHE A 487 -16.05 31.23 -7.94
CA PHE A 487 -16.29 30.09 -7.06
C PHE A 487 -17.02 30.44 -5.76
N THR A 488 -17.83 31.52 -5.76
CA THR A 488 -18.67 31.94 -4.62
C THR A 488 -19.87 32.73 -5.10
N GLU A 489 -20.79 33.01 -4.15
CA GLU A 489 -21.97 33.82 -4.40
C GLU A 489 -21.51 35.27 -4.31
N ASN A 490 -21.92 36.09 -5.28
CA ASN A 490 -21.54 37.50 -5.34
C ASN A 490 -22.70 38.42 -4.97
N GLU A 491 -22.37 39.70 -4.76
CA GLU A 491 -23.34 40.75 -4.44
C GLU A 491 -24.17 41.03 -5.68
N GLU A 492 -25.50 41.05 -5.51
CA GLU A 492 -26.50 41.29 -6.55
C GLU A 492 -26.20 42.55 -7.38
N GLU A 493 -25.88 43.68 -6.70
CA GLU A 493 -25.55 44.97 -7.33
C GLU A 493 -24.33 44.88 -8.25
N SER A 494 -23.27 44.18 -7.81
CA SER A 494 -22.05 43.98 -8.57
C SER A 494 -22.30 43.11 -9.83
N ILE A 495 -23.13 42.04 -9.69
CA ILE A 495 -23.52 41.17 -10.79
C ILE A 495 -24.32 41.99 -11.79
N GLU A 496 -25.25 42.82 -11.30
CA GLU A 496 -26.09 43.67 -12.16
C GLU A 496 -25.27 44.70 -12.90
N GLU A 497 -24.32 45.36 -12.21
CA GLU A 497 -23.44 46.38 -12.80
C GLU A 497 -22.65 45.78 -13.96
N ALA A 498 -21.92 44.68 -13.70
CA ALA A 498 -21.13 43.97 -14.71
C ALA A 498 -22.00 43.45 -15.86
N SER A 499 -23.24 43.01 -15.57
CA SER A 499 -24.17 42.52 -16.60
C SER A 499 -24.58 43.64 -17.55
N ASP A 500 -24.73 44.88 -16.99
CA ASP A 500 -25.09 46.06 -17.78
C ASP A 500 -23.91 46.43 -18.69
N TYR A 501 -22.66 46.44 -18.16
CA TYR A 501 -21.48 46.74 -18.97
C TYR A 501 -21.23 45.68 -20.08
N LEU A 502 -21.44 44.39 -19.77
CA LEU A 502 -21.22 43.28 -20.69
C LEU A 502 -22.41 42.89 -21.59
N GLU A 503 -23.60 43.46 -21.34
CA GLU A 503 -24.85 43.21 -22.08
C GLU A 503 -25.25 41.74 -21.97
N ILE A 504 -25.26 41.24 -20.73
CA ILE A 504 -25.59 39.84 -20.45
C ILE A 504 -26.64 39.72 -19.35
N ASP A 505 -27.10 38.51 -19.13
CA ASP A 505 -28.11 38.16 -18.15
C ASP A 505 -27.47 37.93 -16.79
N PRO A 506 -27.90 38.72 -15.76
CA PRO A 506 -27.36 38.53 -14.39
C PRO A 506 -27.36 37.09 -13.89
N GLU A 507 -28.41 36.28 -14.20
CA GLU A 507 -28.42 34.86 -13.78
C GLU A 507 -27.31 34.06 -14.49
N PHE A 508 -27.02 34.36 -15.78
CA PHE A 508 -25.93 33.70 -16.48
C PHE A 508 -24.58 34.03 -15.80
N LEU A 509 -24.30 35.34 -15.55
CA LEU A 509 -23.06 35.79 -14.90
C LEU A 509 -22.86 35.12 -13.53
N LYS A 510 -23.92 35.09 -12.69
CA LYS A 510 -23.92 34.43 -11.37
C LYS A 510 -23.46 32.99 -11.49
N GLU A 511 -24.03 32.24 -12.46
CA GLU A 511 -23.70 30.83 -12.67
C GLU A 511 -22.30 30.63 -13.25
N MET A 512 -21.86 31.52 -14.15
CA MET A 512 -20.52 31.42 -14.72
C MET A 512 -19.44 31.69 -13.68
N LEU A 513 -19.69 32.63 -12.77
CA LEU A 513 -18.74 32.94 -11.70
C LEU A 513 -18.68 31.82 -10.66
N ARG A 514 -19.86 31.29 -10.26
CA ARG A 514 -20.02 30.19 -9.30
C ARG A 514 -19.38 28.90 -9.81
N ASP A 515 -19.70 28.49 -11.07
CA ASP A 515 -19.16 27.27 -11.66
C ASP A 515 -18.58 27.49 -13.09
N PRO A 516 -17.39 28.13 -13.21
CA PRO A 516 -16.79 28.37 -14.55
C PRO A 516 -16.32 27.15 -15.34
N LEU A 517 -16.17 26.02 -14.67
CA LEU A 517 -15.77 24.77 -15.31
C LEU A 517 -16.97 24.16 -16.01
N ARG A 518 -18.19 24.38 -15.47
CA ARG A 518 -19.43 23.83 -16.02
C ARG A 518 -20.18 24.86 -16.89
N VAL A 519 -20.23 26.11 -16.45
CA VAL A 519 -20.96 27.19 -17.13
C VAL A 519 -20.01 28.04 -18.01
N LYS A 520 -20.03 27.76 -19.32
CA LYS A 520 -19.20 28.41 -20.32
C LYS A 520 -20.09 29.33 -21.16
N PRO A 521 -19.58 30.51 -21.60
CA PRO A 521 -20.42 31.36 -22.46
C PRO A 521 -20.46 30.83 -23.88
N PRO A 522 -21.44 31.25 -24.74
CA PRO A 522 -21.36 30.82 -26.15
C PRO A 522 -20.15 31.53 -26.78
N VAL A 523 -19.61 30.99 -27.89
CA VAL A 523 -18.41 31.52 -28.56
C VAL A 523 -18.54 33.03 -28.87
N GLU A 524 -19.71 33.51 -29.37
CA GLU A 524 -19.89 34.94 -29.66
C GLU A 524 -19.73 35.79 -28.42
N LEU A 525 -20.23 35.33 -27.24
CA LEU A 525 -20.08 36.05 -25.97
C LEU A 525 -18.64 35.92 -25.48
N ALA A 526 -17.99 34.75 -25.68
CA ALA A 526 -16.57 34.60 -25.32
C ALA A 526 -15.73 35.64 -26.07
N ILE A 527 -16.01 35.83 -27.38
CA ILE A 527 -15.33 36.81 -28.25
C ILE A 527 -15.67 38.24 -27.82
N HIS A 528 -16.93 38.49 -27.42
CA HIS A 528 -17.40 39.78 -26.94
C HIS A 528 -16.69 40.14 -25.63
N PHE A 529 -16.47 39.15 -24.75
CA PHE A 529 -15.74 39.33 -23.49
C PHE A 529 -14.30 39.77 -23.76
N SER A 530 -13.63 39.14 -24.74
CA SER A 530 -12.24 39.47 -25.12
C SER A 530 -12.13 40.87 -25.66
N GLU A 531 -13.05 41.23 -26.54
CA GLU A 531 -13.19 42.54 -27.18
C GLU A 531 -13.38 43.66 -26.14
N VAL A 532 -14.28 43.44 -25.16
CA VAL A 532 -14.60 44.43 -24.15
C VAL A 532 -13.57 44.50 -23.05
N LEU A 533 -13.13 43.34 -22.54
CA LEU A 533 -12.24 43.28 -21.39
C LEU A 533 -10.76 43.21 -21.69
N GLY A 534 -10.39 42.96 -22.95
CA GLY A 534 -8.99 42.81 -23.35
C GLY A 534 -8.38 41.54 -22.79
N ILE A 535 -9.19 40.50 -22.65
CA ILE A 535 -8.79 39.21 -22.07
C ILE A 535 -8.59 38.15 -23.16
N PRO A 536 -7.74 37.11 -22.93
CA PRO A 536 -7.56 36.07 -23.95
C PRO A 536 -8.87 35.37 -24.26
N LEU A 537 -8.98 34.74 -25.43
CA LEU A 537 -10.16 33.94 -25.80
C LEU A 537 -10.36 32.84 -24.73
N HIS A 538 -11.63 32.60 -24.34
CA HIS A 538 -12.00 31.55 -23.38
C HIS A 538 -11.31 30.21 -23.81
N PRO A 539 -10.73 29.45 -22.86
CA PRO A 539 -9.99 28.24 -23.23
C PRO A 539 -10.83 27.11 -23.85
N TYR A 540 -12.16 27.11 -23.64
CA TYR A 540 -13.04 26.08 -24.24
C TYR A 540 -13.05 26.23 -25.77
N TYR A 541 -12.83 27.47 -26.28
CA TYR A 541 -12.78 27.80 -27.71
C TYR A 541 -11.36 27.97 -28.25
N THR A 542 -10.35 27.63 -27.43
CA THR A 542 -8.95 27.69 -27.83
C THR A 542 -8.55 26.30 -28.29
N LEU A 543 -8.12 26.17 -29.57
CA LEU A 543 -7.67 24.93 -30.18
C LEU A 543 -6.22 24.70 -29.83
N TYR A 544 -5.71 23.50 -30.07
CA TYR A 544 -4.29 23.17 -29.81
C TYR A 544 -3.40 23.72 -30.88
N TRP A 545 -3.45 25.05 -31.06
CA TRP A 545 -2.67 25.80 -32.05
C TRP A 545 -1.18 25.49 -32.06
N ASN A 546 -0.59 25.34 -30.88
CA ASN A 546 0.83 25.08 -30.76
C ASN A 546 1.19 23.61 -30.87
N SER A 547 0.24 22.74 -31.27
CA SER A 547 0.51 21.32 -31.53
C SER A 547 0.88 21.20 -33.01
N VAL A 548 0.63 22.30 -33.75
CA VAL A 548 0.81 22.41 -35.18
C VAL A 548 1.91 23.42 -35.52
N GLU A 549 2.76 23.05 -36.49
CA GLU A 549 3.84 23.88 -36.97
C GLU A 549 3.25 25.02 -37.78
N PRO A 550 3.80 26.26 -37.65
CA PRO A 550 3.22 27.40 -38.38
C PRO A 550 3.09 27.24 -39.91
N LYS A 551 3.97 26.43 -40.53
CA LYS A 551 3.97 26.12 -41.97
C LYS A 551 2.69 25.39 -42.35
N ASP A 552 2.15 24.58 -41.44
CA ASP A 552 0.92 23.84 -41.69
C ASP A 552 -0.31 24.72 -41.52
N VAL A 553 -0.23 25.78 -40.68
CA VAL A 553 -1.35 26.71 -40.50
C VAL A 553 -1.42 27.59 -41.75
N GLU A 554 -0.25 28.00 -42.26
CA GLU A 554 -0.07 28.75 -43.52
C GLU A 554 -0.71 28.01 -44.71
N LYS A 555 -0.42 26.71 -44.84
CA LYS A 555 -0.98 25.84 -45.87
C LYS A 555 -2.51 25.79 -45.74
N LEU A 556 -3.03 25.51 -44.52
CA LEU A 556 -4.46 25.44 -44.17
C LEU A 556 -5.19 26.72 -44.53
N TRP A 557 -4.59 27.87 -44.19
CA TRP A 557 -5.09 29.22 -44.45
C TRP A 557 -5.38 29.39 -45.94
N ARG A 558 -4.41 29.05 -46.81
CA ARG A 558 -4.54 29.13 -48.26
C ARG A 558 -5.67 28.25 -48.80
N LEU A 559 -5.78 27.02 -48.29
CA LEU A 559 -6.82 26.06 -48.69
C LEU A 559 -8.22 26.55 -48.31
N LEU A 560 -8.35 27.20 -47.12
CA LEU A 560 -9.61 27.77 -46.65
C LEU A 560 -9.98 28.99 -47.46
N LYS A 561 -9.02 29.95 -47.62
CA LYS A 561 -9.20 31.20 -48.38
C LYS A 561 -9.70 30.97 -49.80
N ASN A 562 -9.16 29.91 -50.46
CA ASN A 562 -9.49 29.57 -51.84
C ASN A 562 -10.62 28.56 -52.04
N TYR A 563 -10.77 27.58 -51.16
CA TYR A 563 -11.71 26.49 -51.43
C TYR A 563 -12.88 26.34 -50.45
N ALA A 564 -12.84 27.00 -49.29
CA ALA A 564 -13.91 26.88 -48.30
C ALA A 564 -15.15 27.76 -48.59
N GLU A 565 -16.33 27.21 -48.31
CA GLU A 565 -17.61 27.91 -48.41
C GLU A 565 -17.92 28.22 -46.94
N ILE A 566 -17.94 29.52 -46.59
CA ILE A 566 -18.15 29.97 -45.22
C ILE A 566 -19.44 30.78 -45.06
N GLU A 567 -20.22 30.40 -44.03
CA GLU A 567 -21.44 31.11 -43.60
C GLU A 567 -21.02 31.98 -42.42
N TRP A 568 -21.35 33.27 -42.48
CA TRP A 568 -21.00 34.23 -41.46
C TRP A 568 -22.20 34.62 -40.66
N SER A 569 -21.93 35.04 -39.42
CA SER A 569 -22.89 35.58 -38.49
C SER A 569 -22.30 36.87 -37.92
N ASN A 570 -23.14 37.71 -37.31
CA ASN A 570 -22.69 38.96 -36.75
C ASN A 570 -23.37 39.20 -35.42
N PHE A 571 -22.58 39.19 -34.33
CA PHE A 571 -23.11 39.41 -32.98
C PHE A 571 -22.50 40.70 -32.41
N ARG A 572 -23.34 41.76 -32.22
CA ARG A 572 -22.96 43.06 -31.65
C ARG A 572 -21.71 43.68 -32.33
N GLY A 573 -21.68 43.60 -33.66
CA GLY A 573 -20.56 44.11 -34.45
C GLY A 573 -19.42 43.12 -34.66
N ILE A 574 -19.52 41.92 -34.05
CA ILE A 574 -18.49 40.89 -34.21
C ILE A 574 -18.90 39.94 -35.30
N LYS A 575 -18.15 39.93 -36.42
CA LYS A 575 -18.35 38.99 -37.51
C LYS A 575 -17.55 37.70 -37.13
N PHE A 576 -18.23 36.55 -37.19
CA PHE A 576 -17.65 35.26 -36.88
C PHE A 576 -18.19 34.19 -37.82
N ALA A 577 -17.45 33.08 -37.97
CA ALA A 577 -17.88 31.98 -38.83
C ALA A 577 -18.88 31.13 -38.11
N LYS A 578 -19.93 30.71 -38.82
CA LYS A 578 -21.04 29.89 -38.35
C LYS A 578 -20.85 28.46 -38.87
N LYS A 579 -20.31 28.33 -40.08
CA LYS A 579 -20.14 27.04 -40.73
C LYS A 579 -19.08 27.13 -41.81
N ILE A 580 -18.19 26.12 -41.87
CA ILE A 580 -17.18 25.98 -42.90
C ILE A 580 -17.45 24.69 -43.68
N VAL A 581 -17.56 24.77 -45.01
CA VAL A 581 -17.68 23.57 -45.83
C VAL A 581 -16.53 23.54 -46.84
N ILE A 582 -15.67 22.54 -46.73
CA ILE A 582 -14.54 22.35 -47.67
C ILE A 582 -14.46 20.87 -48.16
N SER A 583 -14.28 20.70 -49.47
CA SER A 583 -14.09 19.39 -50.12
C SER A 583 -12.88 18.69 -49.50
N GLN A 584 -12.99 17.38 -49.25
CA GLN A 584 -11.89 16.57 -48.70
C GLN A 584 -10.71 16.53 -49.67
N GLU A 585 -11.02 16.60 -50.99
CA GLU A 585 -10.06 16.62 -52.10
C GLU A 585 -9.18 17.87 -52.01
N LYS A 586 -9.83 19.05 -51.89
CA LYS A 586 -9.20 20.36 -51.84
C LYS A 586 -8.40 20.57 -50.56
N LEU A 587 -8.89 20.00 -49.44
CA LEU A 587 -8.25 20.08 -48.12
C LEU A 587 -7.02 19.16 -48.02
N GLY A 588 -7.11 17.96 -48.57
CA GLY A 588 -6.06 16.95 -48.59
C GLY A 588 -5.44 16.63 -47.23
N ASP A 589 -4.11 16.75 -47.17
CA ASP A 589 -3.25 16.56 -46.00
C ASP A 589 -3.60 17.46 -44.82
N SER A 590 -4.17 18.65 -45.09
CA SER A 590 -4.54 19.60 -44.04
C SER A 590 -5.68 19.10 -43.14
N LYS A 591 -6.29 17.94 -43.47
CA LYS A 591 -7.32 17.28 -42.64
C LYS A 591 -6.63 16.88 -41.35
N ARG A 592 -5.36 16.41 -41.44
CA ARG A 592 -4.53 16.02 -40.27
C ARG A 592 -4.27 17.23 -39.34
N THR A 593 -4.08 18.44 -39.91
CA THR A 593 -3.91 19.70 -39.13
C THR A 593 -5.18 19.99 -38.29
N LEU A 594 -6.38 19.76 -38.86
CA LEU A 594 -7.63 19.99 -38.13
C LEU A 594 -7.73 19.02 -36.95
N GLU A 595 -7.31 17.76 -37.15
CA GLU A 595 -7.32 16.74 -36.10
C GLU A 595 -6.35 17.09 -34.97
N LEU A 596 -5.11 17.48 -35.31
CA LEU A 596 -4.06 17.89 -34.38
C LEU A 596 -4.45 19.16 -33.64
N LEU A 597 -5.30 20.02 -34.23
CA LEU A 597 -5.78 21.22 -33.56
C LEU A 597 -6.85 20.85 -32.51
N GLY A 598 -7.36 19.61 -32.61
CA GLY A 598 -8.44 19.13 -31.75
C GLY A 598 -9.74 19.78 -32.17
N LEU A 599 -9.86 20.12 -33.47
CA LEU A 599 -11.04 20.79 -34.00
C LEU A 599 -12.20 19.79 -34.20
N PRO A 600 -13.36 19.93 -33.51
CA PRO A 600 -14.47 19.02 -33.80
C PRO A 600 -15.02 19.30 -35.21
N HIS A 601 -15.13 18.25 -36.06
CA HIS A 601 -15.63 18.35 -37.44
C HIS A 601 -16.26 17.04 -37.94
N THR A 602 -17.06 17.13 -39.01
CA THR A 602 -17.69 15.94 -39.58
C THR A 602 -17.33 15.75 -41.03
N VAL A 603 -17.28 14.51 -41.46
CA VAL A 603 -17.02 14.15 -42.84
C VAL A 603 -18.33 13.56 -43.38
N ARG A 604 -18.92 14.23 -44.37
CA ARG A 604 -20.18 13.83 -45.02
C ARG A 604 -20.14 14.26 -46.49
N ASP A 605 -20.52 13.33 -47.41
CA ASP A 605 -20.65 13.54 -48.86
C ASP A 605 -19.38 14.11 -49.53
N GLY A 606 -18.22 13.62 -49.09
CA GLY A 606 -16.91 14.06 -49.59
C GLY A 606 -16.47 15.44 -49.12
N ASN A 607 -17.16 15.98 -48.10
CA ASN A 607 -16.83 17.28 -47.53
C ASN A 607 -16.49 17.20 -46.09
N VAL A 608 -15.60 18.07 -45.64
CA VAL A 608 -15.30 18.28 -44.23
C VAL A 608 -16.23 19.46 -43.84
N ILE A 609 -16.96 19.34 -42.73
CA ILE A 609 -17.89 20.36 -42.25
C ILE A 609 -17.51 20.75 -40.82
N VAL A 610 -17.34 22.06 -40.57
CA VAL A 610 -17.02 22.60 -39.25
C VAL A 610 -18.26 23.39 -38.87
N ASP A 611 -19.01 22.90 -37.88
CA ASP A 611 -20.23 23.54 -37.42
C ASP A 611 -20.00 24.46 -36.22
N TYR A 612 -21.04 25.28 -35.90
CA TYR A 612 -21.04 26.20 -34.77
C TYR A 612 -20.94 25.35 -33.48
N PRO A 613 -20.13 25.73 -32.47
CA PRO A 613 -19.28 26.94 -32.34
C PRO A 613 -17.85 26.81 -32.88
N TRP A 614 -17.50 25.68 -33.51
CA TRP A 614 -16.12 25.37 -33.87
C TRP A 614 -15.63 26.08 -35.11
N ALA A 615 -16.54 26.60 -35.94
CA ALA A 615 -16.16 27.35 -37.15
C ALA A 615 -15.47 28.68 -36.72
N ALA A 616 -15.95 29.32 -35.62
CA ALA A 616 -15.39 30.55 -35.03
C ALA A 616 -14.10 30.23 -34.24
N ALA A 617 -14.03 29.06 -33.56
CA ALA A 617 -12.84 28.61 -32.84
C ALA A 617 -11.65 28.50 -33.80
N LEU A 618 -11.93 28.06 -35.05
CA LEU A 618 -10.93 27.98 -36.12
C LEU A 618 -10.58 29.33 -36.76
N LEU A 619 -11.61 30.09 -37.20
CA LEU A 619 -11.38 31.32 -37.96
C LEU A 619 -11.21 32.61 -37.16
N THR A 620 -11.75 32.73 -35.94
CA THR A 620 -11.58 33.96 -35.14
C THR A 620 -10.07 34.20 -34.83
N PRO A 621 -9.25 33.20 -34.40
CA PRO A 621 -7.82 33.48 -34.15
C PRO A 621 -7.05 33.84 -35.42
N LEU A 622 -7.61 33.47 -36.58
CA LEU A 622 -7.05 33.73 -37.91
C LEU A 622 -7.64 35.02 -38.56
N GLY A 623 -8.33 35.82 -37.73
CA GLY A 623 -8.90 37.10 -38.13
C GLY A 623 -9.85 37.00 -39.28
N ASN A 624 -10.60 35.88 -39.36
CA ASN A 624 -11.62 35.60 -40.39
C ASN A 624 -11.03 35.62 -41.80
N LEU A 625 -9.72 35.28 -41.88
CA LEU A 625 -8.88 35.25 -43.07
C LEU A 625 -8.68 36.67 -43.66
N ASN A 626 -8.80 37.70 -42.79
CA ASN A 626 -8.63 39.12 -43.16
C ASN A 626 -7.17 39.56 -43.13
N TRP A 627 -6.33 38.80 -42.42
CA TRP A 627 -4.88 38.96 -42.42
C TRP A 627 -4.32 37.61 -42.83
N GLU A 628 -3.16 37.59 -43.49
CA GLU A 628 -2.61 36.34 -43.96
C GLU A 628 -1.65 35.71 -42.97
N PHE A 629 -1.98 34.46 -42.51
CA PHE A 629 -1.11 33.72 -41.61
C PHE A 629 0.10 33.30 -42.42
N MET A 630 1.29 33.67 -41.95
CA MET A 630 2.56 33.32 -42.58
C MET A 630 3.49 32.75 -41.54
N ALA A 631 4.13 31.62 -41.83
CA ALA A 631 5.09 30.99 -40.93
C ALA A 631 6.33 31.90 -40.82
N LYS A 632 6.78 32.17 -39.59
CA LYS A 632 7.92 33.06 -39.29
C LYS A 632 8.96 32.26 -38.49
N PRO A 633 10.28 32.35 -38.82
CA PRO A 633 11.28 31.58 -38.04
C PRO A 633 11.33 32.08 -36.59
N LEU A 634 11.50 31.13 -35.64
CA LEU A 634 11.59 31.35 -34.18
C LEU A 634 10.27 31.83 -33.53
N TYR A 635 9.14 31.58 -34.20
CA TYR A 635 7.80 31.90 -33.69
C TYR A 635 6.94 30.66 -33.68
N ALA A 636 6.16 30.47 -32.61
CA ALA A 636 5.20 29.39 -32.48
C ALA A 636 3.87 29.91 -33.11
N THR A 637 2.93 29.02 -33.45
CA THR A 637 1.63 29.40 -34.03
C THR A 637 0.90 30.49 -33.23
N ILE A 638 0.76 30.31 -31.90
CA ILE A 638 0.13 31.27 -30.98
C ILE A 638 0.89 32.62 -31.00
N ASP A 639 2.22 32.59 -31.17
CA ASP A 639 3.00 33.84 -31.26
C ASP A 639 2.63 34.63 -32.50
N ILE A 640 2.41 33.95 -33.65
CA ILE A 640 1.98 34.60 -34.90
C ILE A 640 0.55 35.16 -34.76
N ILE A 641 -0.40 34.36 -34.17
CA ILE A 641 -1.75 34.80 -33.93
C ILE A 641 -1.75 36.07 -33.05
N ASN A 642 -1.01 36.05 -31.93
CA ASN A 642 -0.93 37.15 -30.97
C ASN A 642 -0.27 38.41 -31.48
N GLU A 643 0.54 38.29 -32.54
CA GLU A 643 1.18 39.43 -33.15
C GLU A 643 0.23 40.14 -34.12
N ASN A 644 -0.64 39.38 -34.79
CA ASN A 644 -1.47 39.91 -35.85
C ASN A 644 -2.98 40.03 -35.58
N ASN A 645 -3.51 39.26 -34.63
CA ASN A 645 -4.95 39.24 -34.32
C ASN A 645 -5.39 40.16 -33.17
N GLU A 646 -6.61 40.71 -33.27
CA GLU A 646 -7.25 41.54 -32.26
C GLU A 646 -7.54 40.70 -31.01
N ILE A 647 -8.13 39.50 -31.22
CA ILE A 647 -8.43 38.52 -30.20
C ILE A 647 -7.15 37.72 -29.97
N LYS A 648 -6.70 37.71 -28.71
CA LYS A 648 -5.49 37.05 -28.25
C LYS A 648 -5.74 35.70 -27.58
N LEU A 649 -4.72 34.84 -27.60
CA LEU A 649 -4.78 33.49 -27.05
C LEU A 649 -3.67 33.24 -26.05
N ARG A 650 -3.89 32.24 -25.18
CA ARG A 650 -2.90 31.63 -24.30
C ARG A 650 -2.92 30.16 -24.66
N ASP A 651 -1.77 29.52 -24.52
CA ASP A 651 -1.59 28.10 -24.83
C ASP A 651 -2.40 27.20 -23.90
N ARG A 652 -3.34 26.48 -24.49
CA ARG A 652 -4.19 25.57 -23.75
C ARG A 652 -3.55 24.16 -23.61
N GLY A 653 -2.43 23.92 -24.29
CA GLY A 653 -1.76 22.63 -24.29
C GLY A 653 -0.27 22.83 -24.42
N ILE A 654 0.38 23.18 -23.33
CA ILE A 654 1.84 23.26 -23.24
C ILE A 654 2.45 22.10 -22.40
N SER A 655 1.75 21.64 -21.36
CA SER A 655 2.18 20.65 -20.39
C SER A 655 1.31 19.39 -20.37
N TRP A 656 1.99 18.25 -20.51
CA TRP A 656 1.42 16.90 -20.60
C TRP A 656 2.05 15.97 -19.57
N ILE A 657 1.22 15.09 -18.98
CA ILE A 657 1.63 14.14 -17.95
C ILE A 657 1.24 12.70 -18.36
N GLY A 658 2.19 11.76 -18.22
CA GLY A 658 2.01 10.36 -18.57
C GLY A 658 2.31 10.03 -20.01
N LYS A 673 10.50 -24.20 -8.41
CA LYS A 673 10.19 -23.65 -7.09
C LYS A 673 8.67 -23.44 -6.93
N PRO A 674 8.10 -23.24 -5.70
CA PRO A 674 8.73 -23.24 -4.36
C PRO A 674 9.25 -24.63 -3.99
N PRO A 675 10.16 -24.76 -3.00
CA PRO A 675 10.76 -26.09 -2.78
C PRO A 675 10.18 -26.97 -1.66
N VAL A 676 9.10 -26.55 -0.97
CA VAL A 676 8.58 -27.34 0.16
C VAL A 676 7.07 -27.62 0.06
N GLN A 677 6.69 -28.87 0.30
CA GLN A 677 5.31 -29.33 0.29
C GLN A 677 4.79 -29.63 1.69
N VAL A 678 5.69 -30.04 2.61
CA VAL A 678 5.35 -30.35 4.00
C VAL A 678 6.47 -29.94 4.97
N LEU A 679 6.10 -29.36 6.13
CA LEU A 679 7.13 -28.99 7.13
C LEU A 679 7.54 -30.22 7.93
N PHE A 680 8.29 -31.11 7.28
CA PHE A 680 8.73 -32.37 7.86
C PHE A 680 10.22 -32.58 7.59
N PRO A 681 11.05 -32.83 8.64
CA PRO A 681 12.50 -32.95 8.40
C PRO A 681 12.91 -34.32 7.86
N ILE A 682 13.72 -34.31 6.79
CA ILE A 682 14.15 -35.55 6.12
C ILE A 682 15.69 -35.70 6.08
N GLY A 683 16.42 -34.65 6.44
CA GLY A 683 17.87 -34.67 6.45
C GLY A 683 18.44 -34.85 5.05
N LEU A 684 19.27 -35.91 4.90
CA LEU A 684 19.90 -36.30 3.63
C LEU A 684 19.20 -37.51 2.99
N ALA A 685 18.24 -38.12 3.69
CA ALA A 685 17.52 -39.31 3.26
C ALA A 685 16.69 -39.16 1.96
N GLY A 686 16.23 -37.94 1.67
CA GLY A 686 15.45 -37.66 0.46
C GLY A 686 16.26 -37.08 -0.68
N GLY A 687 17.59 -37.24 -0.59
CA GLY A 687 18.56 -36.69 -1.54
C GLY A 687 18.55 -35.17 -1.57
N SER A 688 18.97 -34.61 -2.71
CA SER A 688 19.08 -33.17 -2.93
C SER A 688 17.74 -32.41 -2.99
N SER A 689 16.63 -33.12 -3.32
CA SER A 689 15.28 -32.52 -3.43
C SER A 689 14.46 -32.67 -2.14
N ARG A 690 15.04 -33.23 -1.06
CA ARG A 690 14.36 -33.47 0.23
C ARG A 690 13.05 -34.28 0.03
N ASP A 691 13.09 -35.25 -0.90
CA ASP A 691 11.96 -36.09 -1.28
C ASP A 691 11.68 -37.22 -0.28
N ILE A 692 10.65 -37.03 0.57
CA ILE A 692 10.18 -38.00 1.58
C ILE A 692 9.67 -39.28 0.91
N LYS A 693 8.99 -39.14 -0.23
CA LYS A 693 8.49 -40.27 -1.00
C LYS A 693 9.67 -41.14 -1.48
N LYS A 694 10.75 -40.53 -2.00
CA LYS A 694 11.97 -41.22 -2.43
C LYS A 694 12.62 -41.94 -1.26
N ALA A 695 12.75 -41.25 -0.08
CA ALA A 695 13.35 -41.82 1.13
C ALA A 695 12.61 -43.08 1.58
N ALA A 696 11.26 -43.01 1.69
CA ALA A 696 10.36 -44.10 2.07
C ALA A 696 10.43 -45.25 1.06
N GLU A 697 10.45 -44.94 -0.25
CA GLU A 697 10.52 -45.88 -1.36
C GLU A 697 11.86 -46.64 -1.38
N GLU A 698 12.98 -45.94 -1.03
CA GLU A 698 14.33 -46.55 -0.96
C GLU A 698 14.60 -47.23 0.38
N GLY A 699 13.62 -47.18 1.29
CA GLY A 699 13.72 -47.78 2.62
C GLY A 699 14.80 -47.15 3.48
N LYS A 700 15.12 -45.89 3.19
CA LYS A 700 16.15 -45.13 3.89
C LYS A 700 15.70 -44.66 5.28
N VAL A 701 16.65 -44.63 6.23
CA VAL A 701 16.46 -44.18 7.60
C VAL A 701 17.09 -42.78 7.67
N ALA A 702 16.37 -41.82 8.29
CA ALA A 702 16.87 -40.44 8.45
C ALA A 702 17.28 -40.21 9.91
N GLU A 703 18.31 -39.40 10.16
CA GLU A 703 18.76 -39.04 11.51
C GLU A 703 18.55 -37.55 11.54
N VAL A 704 17.43 -37.12 12.17
CA VAL A 704 17.02 -35.72 12.17
C VAL A 704 16.63 -35.24 13.55
N GLU A 705 16.88 -33.95 13.83
CA GLU A 705 16.44 -33.32 15.06
C GLU A 705 14.93 -33.12 14.91
N ILE A 706 14.16 -33.82 15.74
CA ILE A 706 12.71 -33.83 15.64
C ILE A 706 12.08 -34.03 17.01
N ALA A 707 10.90 -33.44 17.20
CA ALA A 707 10.09 -33.58 18.42
C ALA A 707 9.27 -34.88 18.37
N PHE A 708 9.24 -35.61 19.52
CA PHE A 708 8.50 -36.85 19.74
C PHE A 708 7.43 -36.67 20.80
N PHE A 709 6.34 -37.43 20.67
CA PHE A 709 5.20 -37.36 21.58
C PHE A 709 4.91 -38.73 22.15
N LYS A 710 4.74 -38.81 23.48
CA LYS A 710 4.45 -40.05 24.19
C LYS A 710 2.98 -40.13 24.56
N CYS A 711 2.36 -41.29 24.32
CA CYS A 711 0.96 -41.52 24.68
C CYS A 711 0.85 -41.87 26.18
N PRO A 712 0.00 -41.15 26.94
CA PRO A 712 -0.18 -41.50 28.37
C PRO A 712 -0.99 -42.80 28.58
N LYS A 713 -1.87 -43.16 27.61
CA LYS A 713 -2.74 -44.33 27.64
C LYS A 713 -1.96 -45.66 27.45
N CYS A 714 -1.26 -45.82 26.31
CA CYS A 714 -0.51 -47.05 26.01
C CYS A 714 1.00 -46.91 26.22
N GLY A 715 1.58 -45.81 25.72
CA GLY A 715 3.00 -45.53 25.84
C GLY A 715 3.73 -45.32 24.53
N HIS A 716 2.97 -45.20 23.41
CA HIS A 716 3.51 -45.02 22.06
C HIS A 716 4.34 -43.74 21.92
N VAL A 717 5.51 -43.84 21.26
CA VAL A 717 6.42 -42.72 21.01
C VAL A 717 6.60 -42.52 19.49
N GLY A 718 6.34 -41.31 19.04
CA GLY A 718 6.46 -40.93 17.63
C GLY A 718 6.29 -39.44 17.34
N PRO A 719 6.53 -39.05 16.07
CA PRO A 719 6.45 -37.61 15.73
C PRO A 719 5.03 -37.03 15.53
N GLU A 720 3.99 -37.84 15.74
CA GLU A 720 2.59 -37.41 15.58
C GLU A 720 1.90 -37.01 16.88
N HIS A 721 0.90 -36.11 16.79
CA HIS A 721 0.11 -35.58 17.90
C HIS A 721 -0.89 -36.59 18.46
N LEU A 722 -1.59 -37.34 17.60
CA LEU A 722 -2.54 -38.35 18.02
C LEU A 722 -1.91 -39.73 17.97
N CYS A 723 -2.29 -40.59 18.94
CA CYS A 723 -1.79 -41.96 18.99
C CYS A 723 -2.35 -42.82 17.83
N PRO A 724 -1.50 -43.54 17.06
CA PRO A 724 -2.03 -44.37 15.98
C PRO A 724 -2.69 -45.66 16.48
N ASN A 725 -2.50 -45.97 17.77
CA ASN A 725 -3.04 -47.14 18.45
C ASN A 725 -4.39 -46.89 19.10
N CYS A 726 -4.50 -45.88 19.98
CA CYS A 726 -5.75 -45.57 20.68
C CYS A 726 -6.37 -44.21 20.32
N GLY A 727 -5.65 -43.41 19.52
CA GLY A 727 -6.13 -42.12 19.05
C GLY A 727 -6.22 -41.01 20.08
N THR A 728 -5.60 -41.20 21.27
CA THR A 728 -5.58 -40.18 22.33
C THR A 728 -4.43 -39.20 22.08
N ARG A 729 -4.62 -37.92 22.46
CA ARG A 729 -3.59 -36.90 22.28
C ARG A 729 -2.33 -37.18 23.12
N LYS A 730 -1.21 -37.24 22.43
CA LYS A 730 0.12 -37.54 22.99
C LYS A 730 0.82 -36.30 23.55
N GLU A 731 1.69 -36.52 24.55
CA GLU A 731 2.42 -35.52 25.31
C GLU A 731 3.85 -35.36 24.81
N LEU A 732 4.28 -34.10 24.58
CA LEU A 732 5.63 -33.77 24.14
C LEU A 732 6.71 -34.27 25.10
N LEU A 733 7.75 -34.91 24.54
CA LEU A 733 8.88 -35.42 25.30
C LEU A 733 10.02 -34.41 25.26
N TRP A 734 10.48 -33.95 26.43
CA TRP A 734 11.62 -33.03 26.55
C TRP A 734 12.86 -33.86 26.81
N VAL A 735 13.96 -33.56 26.11
CA VAL A 735 15.21 -34.32 26.20
C VAL A 735 16.33 -33.50 26.84
N CYS A 736 17.17 -34.13 27.68
CA CYS A 736 18.36 -33.46 28.21
C CYS A 736 19.45 -33.61 27.15
N PRO A 737 20.09 -32.52 26.69
CA PRO A 737 21.13 -32.68 25.65
C PRO A 737 22.42 -33.39 26.12
N ARG A 738 22.56 -33.70 27.44
CA ARG A 738 23.73 -34.40 27.97
C ARG A 738 23.52 -35.91 28.18
N CYS A 739 22.62 -36.28 29.11
CA CYS A 739 22.35 -37.67 29.47
C CYS A 739 21.31 -38.36 28.57
N ASN A 740 20.70 -37.60 27.65
CA ASN A 740 19.66 -38.05 26.72
C ASN A 740 18.44 -38.67 27.43
N ALA A 741 18.17 -38.20 28.66
CA ALA A 741 17.01 -38.63 29.44
C ALA A 741 15.77 -37.94 28.85
N GLU A 742 14.64 -38.69 28.76
CA GLU A 742 13.37 -38.21 28.21
C GLU A 742 12.38 -37.94 29.32
N TYR A 743 11.78 -36.73 29.30
CA TYR A 743 10.80 -36.29 30.29
C TYR A 743 9.53 -35.77 29.61
N PRO A 744 8.35 -36.40 29.85
CA PRO A 744 7.10 -35.84 29.28
C PRO A 744 6.83 -34.44 29.82
N GLU A 745 6.08 -33.62 29.04
CA GLU A 745 5.70 -32.24 29.32
C GLU A 745 5.50 -31.92 30.79
N SER A 746 4.58 -32.64 31.46
CA SER A 746 4.23 -32.42 32.87
C SER A 746 5.46 -32.63 33.80
N GLN A 747 6.27 -33.69 33.57
CA GLN A 747 7.50 -33.94 34.35
C GLN A 747 8.51 -32.79 34.13
N ALA A 748 8.67 -32.36 32.84
CA ALA A 748 9.56 -31.27 32.43
C ALA A 748 9.12 -29.94 33.09
N GLU A 749 7.80 -29.70 33.15
CA GLU A 749 7.22 -28.52 33.82
C GLU A 749 7.54 -28.47 35.32
N GLY A 750 7.56 -29.62 35.97
CA GLY A 750 7.90 -29.73 37.38
C GLY A 750 9.37 -29.42 37.63
N TYR A 751 10.24 -29.86 36.70
CA TYR A 751 11.69 -29.66 36.76
C TYR A 751 12.13 -28.32 36.16
N ASN A 752 11.16 -27.42 35.84
CA ASN A 752 11.36 -26.10 35.23
C ASN A 752 12.19 -26.15 33.92
N TYR A 753 11.91 -27.16 33.08
CA TYR A 753 12.54 -27.45 31.79
C TYR A 753 14.09 -27.52 31.93
N THR A 754 14.56 -28.02 33.09
CA THR A 754 15.97 -28.23 33.42
C THR A 754 16.08 -29.66 33.90
N CYS A 755 17.09 -30.41 33.42
CA CYS A 755 17.31 -31.80 33.81
C CYS A 755 17.49 -31.91 35.36
N PRO A 756 16.79 -32.83 36.07
CA PRO A 756 16.96 -32.91 37.54
C PRO A 756 18.37 -33.29 38.03
N LYS A 757 19.16 -34.03 37.22
CA LYS A 757 20.53 -34.41 37.63
C LYS A 757 21.64 -33.93 36.66
N CYS A 758 21.39 -32.84 35.92
CA CYS A 758 22.29 -32.11 35.01
C CYS A 758 21.78 -30.67 35.10
N ASN A 759 22.62 -29.68 35.39
CA ASN A 759 22.10 -28.31 35.49
C ASN A 759 21.81 -27.64 34.10
N VAL A 760 21.69 -28.46 33.02
CA VAL A 760 21.41 -27.98 31.66
C VAL A 760 19.92 -28.04 31.30
N LYS A 761 19.47 -27.05 30.52
CA LYS A 761 18.10 -26.88 30.05
C LYS A 761 17.70 -27.99 29.06
N LEU A 762 16.45 -28.45 29.21
CA LEU A 762 15.83 -29.47 28.36
C LEU A 762 15.46 -28.88 27.00
N ARG A 763 15.46 -29.74 25.97
CA ARG A 763 15.11 -29.33 24.62
C ARG A 763 13.82 -30.05 24.21
N PRO A 764 12.89 -29.43 23.46
CA PRO A 764 11.67 -30.18 23.06
C PRO A 764 11.91 -31.19 21.92
N TYR A 765 13.16 -31.39 21.53
CA TYR A 765 13.54 -32.25 20.41
C TYR A 765 14.89 -32.94 20.70
N ALA A 766 15.30 -33.88 19.83
CA ALA A 766 16.58 -34.59 19.88
C ALA A 766 16.86 -35.16 18.50
N LYS A 767 18.13 -35.52 18.23
CA LYS A 767 18.55 -36.16 16.99
C LYS A 767 18.01 -37.59 17.05
N ARG A 768 17.08 -37.92 16.14
CA ARG A 768 16.40 -39.21 16.16
C ARG A 768 16.43 -39.97 14.85
N LYS A 769 16.31 -41.29 14.93
CA LYS A 769 16.24 -42.19 13.78
C LYS A 769 14.79 -42.22 13.36
N ILE A 770 14.56 -41.84 12.11
CA ILE A 770 13.24 -41.76 11.51
C ILE A 770 13.15 -42.75 10.37
N ARG A 771 12.06 -43.50 10.32
CA ARG A 771 11.78 -44.46 9.29
C ARG A 771 10.62 -43.89 8.44
N PRO A 772 10.92 -43.09 7.38
CA PRO A 772 9.85 -42.51 6.54
C PRO A 772 8.88 -43.52 5.89
N SER A 773 9.31 -44.77 5.66
CA SER A 773 8.44 -45.78 5.06
C SER A 773 7.25 -46.13 5.96
N GLU A 774 7.45 -46.29 7.28
CA GLU A 774 6.31 -46.57 8.15
C GLU A 774 5.41 -45.34 8.33
N LEU A 775 6.01 -44.15 8.43
CA LEU A 775 5.29 -42.90 8.62
C LEU A 775 4.48 -42.50 7.38
N LEU A 776 5.09 -42.58 6.18
CA LEU A 776 4.44 -42.23 4.93
C LEU A 776 3.37 -43.23 4.56
N ASN A 777 3.62 -44.54 4.79
CA ASN A 777 2.61 -45.53 4.49
C ASN A 777 1.35 -45.33 5.34
N ARG A 778 1.50 -44.99 6.65
CA ARG A 778 0.36 -44.74 7.55
C ARG A 778 -0.41 -43.48 7.09
N ALA A 779 0.33 -42.39 6.73
CA ALA A 779 -0.22 -41.11 6.26
C ALA A 779 -1.03 -41.31 4.99
N MET A 780 -0.52 -42.17 4.09
CA MET A 780 -1.17 -42.53 2.84
C MET A 780 -2.47 -43.27 3.06
N GLU A 781 -2.51 -44.16 4.06
CA GLU A 781 -3.70 -44.92 4.44
C GLU A 781 -4.79 -43.99 5.00
N ASN A 782 -4.39 -43.06 5.91
CA ASN A 782 -5.24 -42.09 6.62
C ASN A 782 -6.07 -41.15 5.72
N VAL A 783 -5.45 -40.62 4.66
CA VAL A 783 -6.05 -39.66 3.73
C VAL A 783 -6.48 -40.30 2.40
N LYS A 784 -6.17 -41.59 2.20
CA LYS A 784 -6.50 -42.37 1.00
C LYS A 784 -5.92 -41.74 -0.28
N VAL A 785 -4.67 -41.28 -0.23
CA VAL A 785 -3.99 -40.71 -1.39
C VAL A 785 -2.64 -41.43 -1.55
N TYR A 786 -2.48 -42.13 -2.68
CA TYR A 786 -1.29 -42.95 -2.93
C TYR A 786 -0.42 -42.47 -4.11
N GLY A 787 -1.06 -42.08 -5.21
CA GLY A 787 -0.38 -41.68 -6.44
C GLY A 787 0.36 -40.36 -6.49
N VAL A 788 0.92 -39.88 -5.36
CA VAL A 788 1.67 -38.61 -5.36
C VAL A 788 2.99 -38.76 -6.14
N ASP A 789 3.33 -37.75 -6.95
CA ASP A 789 4.55 -37.74 -7.78
C ASP A 789 5.82 -37.75 -6.88
N LYS A 790 5.91 -36.78 -5.96
CA LYS A 790 6.99 -36.58 -4.99
C LYS A 790 6.43 -35.82 -3.79
N LEU A 791 7.16 -35.84 -2.66
CA LEU A 791 6.76 -35.13 -1.45
C LEU A 791 7.97 -34.44 -0.85
N LYS A 792 8.10 -33.13 -1.12
CA LYS A 792 9.24 -32.35 -0.65
C LYS A 792 9.07 -31.81 0.76
N GLY A 793 9.95 -32.26 1.64
CA GLY A 793 10.01 -31.78 3.01
C GLY A 793 11.14 -30.79 3.20
N VAL A 794 11.65 -30.65 4.43
CA VAL A 794 12.77 -29.76 4.73
C VAL A 794 13.99 -30.64 5.13
N MET A 795 15.19 -30.10 4.99
CA MET A 795 16.40 -30.80 5.39
C MET A 795 16.39 -30.88 6.93
N GLY A 796 16.06 -29.74 7.55
CA GLY A 796 15.91 -29.60 8.99
C GLY A 796 14.89 -28.54 9.35
N MET A 797 14.33 -28.64 10.56
CA MET A 797 13.39 -27.64 11.10
C MET A 797 14.15 -26.43 11.68
N THR A 798 13.67 -25.21 11.36
CA THR A 798 14.28 -23.96 11.82
C THR A 798 13.49 -23.38 13.03
N SER A 799 12.41 -24.09 13.46
CA SER A 799 11.62 -23.69 14.63
C SER A 799 12.38 -24.09 15.91
N GLY A 800 11.95 -23.57 17.06
CA GLY A 800 12.53 -23.94 18.34
C GLY A 800 12.04 -25.29 18.83
N TRP A 801 10.88 -25.70 18.32
CA TRP A 801 10.18 -26.92 18.68
C TRP A 801 10.56 -28.16 17.89
N LYS A 802 10.82 -28.02 16.58
CA LYS A 802 11.17 -29.08 15.62
C LYS A 802 10.05 -30.16 15.58
N MET A 803 8.83 -29.67 15.78
CA MET A 803 7.54 -30.35 15.80
C MET A 803 7.13 -30.41 14.33
N PRO A 804 7.09 -31.58 13.66
CA PRO A 804 6.79 -31.57 12.23
C PRO A 804 5.31 -31.42 11.93
N GLU A 805 5.00 -31.00 10.73
CA GLU A 805 3.64 -30.90 10.24
C GLU A 805 3.18 -32.37 9.88
N PRO A 806 1.92 -32.80 10.11
CA PRO A 806 1.53 -34.17 9.71
C PRO A 806 1.79 -34.43 8.22
N LEU A 807 2.37 -35.58 7.89
CA LEU A 807 2.66 -35.92 6.49
C LEU A 807 1.45 -35.90 5.56
N GLU A 808 0.26 -36.10 6.13
CA GLU A 808 -1.05 -36.10 5.46
C GLU A 808 -1.30 -34.77 4.76
N LYS A 809 -0.87 -33.67 5.41
CA LYS A 809 -0.97 -32.29 4.92
C LYS A 809 -0.09 -32.12 3.68
N GLY A 810 1.13 -32.69 3.73
CA GLY A 810 2.02 -32.68 2.58
C GLY A 810 1.46 -33.46 1.41
N LEU A 811 0.90 -34.68 1.67
CA LEU A 811 0.31 -35.51 0.61
C LEU A 811 -0.78 -34.77 -0.14
N LEU A 812 -1.60 -34.00 0.59
CA LEU A 812 -2.69 -33.26 -0.04
C LEU A 812 -2.19 -32.04 -0.77
N ARG A 813 -1.10 -31.44 -0.31
CA ARG A 813 -0.49 -30.29 -1.01
C ARG A 813 0.11 -30.72 -2.33
N ALA A 814 0.84 -31.84 -2.34
CA ALA A 814 1.49 -32.40 -3.51
C ALA A 814 0.41 -32.79 -4.54
N LYS A 815 -0.70 -33.39 -4.06
CA LYS A 815 -1.86 -33.78 -4.88
C LYS A 815 -2.47 -32.55 -5.58
N ASN A 816 -2.48 -31.39 -4.90
CA ASN A 816 -3.08 -30.16 -5.42
C ASN A 816 -2.12 -29.15 -6.04
N ASP A 817 -0.85 -29.53 -6.18
CA ASP A 817 0.27 -28.73 -6.70
C ASP A 817 0.41 -27.38 -5.96
N VAL A 818 0.45 -27.45 -4.63
CA VAL A 818 0.63 -26.27 -3.77
C VAL A 818 1.83 -26.46 -2.87
N TYR A 819 2.36 -25.34 -2.36
CA TYR A 819 3.59 -25.32 -1.58
C TYR A 819 3.44 -24.51 -0.33
N VAL A 820 4.04 -25.01 0.73
CA VAL A 820 3.97 -24.41 2.04
C VAL A 820 5.15 -23.45 2.37
N PHE A 821 4.81 -22.41 3.13
CA PHE A 821 5.71 -21.42 3.73
C PHE A 821 6.08 -21.96 5.13
N LYS A 822 7.16 -21.43 5.74
CA LYS A 822 7.73 -21.84 7.05
C LYS A 822 6.77 -21.93 8.22
N ASP A 823 5.65 -21.19 8.18
CA ASP A 823 4.70 -21.14 9.28
C ASP A 823 3.45 -22.03 9.09
N GLY A 824 3.41 -22.80 8.00
CA GLY A 824 2.29 -23.69 7.73
C GLY A 824 1.25 -23.16 6.76
N THR A 825 1.40 -21.89 6.36
CA THR A 825 0.50 -21.22 5.40
C THR A 825 1.01 -21.37 3.97
N ILE A 826 0.10 -21.20 3.01
CA ILE A 826 0.40 -21.18 1.58
C ILE A 826 0.19 -19.73 1.16
N ARG A 827 1.23 -19.13 0.57
CA ARG A 827 1.15 -17.74 0.19
C ARG A 827 1.37 -17.50 -1.27
N PHE A 828 0.66 -16.51 -1.81
CA PHE A 828 0.90 -16.04 -3.15
C PHE A 828 1.58 -14.66 -3.00
N ASP A 829 2.83 -14.51 -3.48
CA ASP A 829 3.56 -13.24 -3.39
C ASP A 829 3.23 -12.33 -4.54
N ALA A 830 2.31 -11.41 -4.28
CA ALA A 830 1.73 -10.47 -5.23
C ALA A 830 2.25 -9.01 -5.08
N THR A 831 1.97 -8.22 -6.12
CA THR A 831 2.24 -6.80 -6.17
C THR A 831 0.88 -6.19 -6.47
N ASP A 832 0.48 -5.26 -5.62
CA ASP A 832 -0.80 -4.60 -5.77
C ASP A 832 -0.64 -3.09 -5.91
N ALA A 833 -1.61 -2.46 -6.57
CA ALA A 833 -1.64 -1.03 -6.83
C ALA A 833 -2.92 -0.46 -6.20
N PRO A 834 -2.86 0.75 -5.60
CA PRO A 834 -4.07 1.31 -4.98
C PRO A 834 -5.14 1.79 -5.96
N ILE A 835 -6.43 1.49 -5.68
CA ILE A 835 -7.57 1.97 -6.45
C ILE A 835 -8.68 2.39 -5.52
N THR A 836 -9.56 3.27 -5.98
CA THR A 836 -10.71 3.72 -5.20
C THR A 836 -12.00 3.47 -5.98
N HIS A 837 -11.86 3.31 -7.31
CA HIS A 837 -12.96 3.09 -8.27
C HIS A 837 -12.68 1.96 -9.26
N PHE A 838 -13.72 1.26 -9.73
CA PHE A 838 -13.57 0.17 -10.70
C PHE A 838 -14.80 0.10 -11.61
N ARG A 839 -14.68 -0.56 -12.76
CA ARG A 839 -15.80 -0.82 -13.68
C ARG A 839 -16.00 -2.35 -13.75
N PRO A 840 -17.22 -2.88 -13.54
CA PRO A 840 -17.41 -4.35 -13.58
C PRO A 840 -16.75 -5.06 -14.77
N ARG A 841 -16.88 -4.50 -15.99
CA ARG A 841 -16.30 -5.03 -17.23
C ARG A 841 -14.78 -5.25 -17.11
N GLU A 842 -14.07 -4.28 -16.49
CA GLU A 842 -12.61 -4.28 -16.28
C GLU A 842 -12.14 -5.40 -15.33
N ILE A 843 -13.03 -5.89 -14.42
CA ILE A 843 -12.67 -6.91 -13.42
C ILE A 843 -13.34 -8.26 -13.70
N GLY A 844 -14.06 -8.35 -14.82
CA GLY A 844 -14.74 -9.55 -15.32
C GLY A 844 -15.76 -10.14 -14.38
N VAL A 845 -16.60 -9.28 -13.78
CA VAL A 845 -17.63 -9.66 -12.82
C VAL A 845 -18.92 -8.95 -13.22
N SER A 846 -20.03 -9.69 -13.19
CA SER A 846 -21.34 -9.22 -13.55
C SER A 846 -21.91 -8.28 -12.50
N VAL A 847 -22.90 -7.50 -12.94
CA VAL A 847 -23.68 -6.54 -12.15
C VAL A 847 -24.43 -7.29 -11.04
N GLU A 848 -25.13 -8.41 -11.39
CA GLU A 848 -25.86 -9.22 -10.41
C GLU A 848 -24.93 -9.78 -9.32
N LYS A 849 -23.72 -10.30 -9.69
CA LYS A 849 -22.72 -10.78 -8.71
C LYS A 849 -22.36 -9.68 -7.71
N LEU A 850 -22.07 -8.46 -8.23
CA LEU A 850 -21.73 -7.30 -7.43
C LEU A 850 -22.90 -6.81 -6.58
N ARG A 851 -24.14 -7.01 -7.08
CA ARG A 851 -25.33 -6.66 -6.33
C ARG A 851 -25.45 -7.63 -5.14
N GLU A 852 -25.10 -8.92 -5.36
CA GLU A 852 -25.07 -9.95 -4.30
C GLU A 852 -23.93 -9.67 -3.31
N LEU A 853 -22.88 -8.98 -3.76
CA LEU A 853 -21.74 -8.60 -2.92
C LEU A 853 -22.07 -7.31 -2.12
N GLY A 854 -23.20 -6.67 -2.45
CA GLY A 854 -23.68 -5.49 -1.74
C GLY A 854 -23.48 -4.16 -2.43
N TYR A 855 -23.05 -4.18 -3.70
CA TYR A 855 -22.87 -2.95 -4.47
C TYR A 855 -24.23 -2.50 -5.05
N THR A 856 -24.75 -1.35 -4.60
CA THR A 856 -26.08 -0.82 -4.97
C THR A 856 -26.05 0.28 -6.04
N HIS A 857 -25.07 1.17 -5.94
CA HIS A 857 -24.97 2.33 -6.80
C HIS A 857 -23.55 2.57 -7.33
N ASP A 858 -23.45 3.43 -8.36
CA ASP A 858 -22.21 3.87 -8.97
C ASP A 858 -21.64 5.08 -8.15
N PHE A 859 -20.61 5.77 -8.66
CA PHE A 859 -20.00 6.92 -7.97
C PHE A 859 -20.93 8.18 -7.86
N GLU A 860 -21.93 8.28 -8.78
CA GLU A 860 -22.90 9.37 -8.86
C GLU A 860 -24.14 9.12 -8.01
N GLY A 861 -24.24 7.93 -7.43
CA GLY A 861 -25.36 7.51 -6.60
C GLY A 861 -26.50 6.93 -7.39
N LYS A 862 -26.26 6.62 -8.68
CA LYS A 862 -27.25 6.06 -9.59
C LYS A 862 -27.29 4.52 -9.46
N PRO A 863 -28.47 3.85 -9.50
CA PRO A 863 -28.49 2.38 -9.37
C PRO A 863 -27.53 1.65 -10.30
N LEU A 864 -26.84 0.63 -9.79
CA LEU A 864 -25.86 -0.17 -10.54
C LEU A 864 -26.62 -1.18 -11.39
N VAL A 865 -26.64 -0.94 -12.71
CA VAL A 865 -27.39 -1.74 -13.67
C VAL A 865 -26.56 -2.11 -14.93
N SER A 866 -25.42 -1.40 -15.13
CA SER A 866 -24.54 -1.57 -16.28
C SER A 866 -23.15 -2.03 -15.86
N GLU A 867 -22.55 -2.90 -16.69
CA GLU A 867 -21.17 -3.39 -16.49
C GLU A 867 -20.13 -2.28 -16.79
N ASP A 868 -20.61 -1.17 -17.36
CA ASP A 868 -19.77 -0.04 -17.71
C ASP A 868 -19.75 1.07 -16.68
N GLN A 869 -20.58 0.95 -15.62
CA GLN A 869 -20.65 1.97 -14.58
C GLN A 869 -19.39 2.03 -13.71
N ILE A 870 -19.02 3.23 -13.29
CA ILE A 870 -17.85 3.39 -12.43
C ILE A 870 -18.34 3.29 -11.00
N VAL A 871 -17.77 2.32 -10.27
CA VAL A 871 -18.19 1.97 -8.93
C VAL A 871 -17.12 2.29 -7.92
N GLU A 872 -17.52 2.71 -6.70
CA GLU A 872 -16.57 2.95 -5.62
C GLU A 872 -16.23 1.63 -4.92
N LEU A 873 -14.94 1.33 -4.81
CA LEU A 873 -14.42 0.14 -4.15
C LEU A 873 -14.60 0.18 -2.61
N LYS A 874 -15.20 -0.89 -2.02
CA LYS A 874 -15.41 -1.08 -0.58
C LYS A 874 -14.03 -1.33 0.06
N PRO A 875 -13.77 -0.84 1.31
CA PRO A 875 -12.40 -0.81 1.84
C PRO A 875 -11.59 -2.11 1.90
N GLN A 876 -12.25 -3.27 2.11
CA GLN A 876 -11.54 -4.56 2.20
C GLN A 876 -11.79 -5.45 0.99
N ASP A 877 -12.37 -4.89 -0.09
CA ASP A 877 -12.61 -5.61 -1.34
C ASP A 877 -11.38 -5.51 -2.23
N ILE A 878 -10.92 -6.64 -2.79
CA ILE A 878 -9.67 -6.69 -3.57
C ILE A 878 -9.85 -7.39 -4.92
N ILE A 879 -9.09 -6.94 -5.93
CA ILE A 879 -9.11 -7.50 -7.27
C ILE A 879 -7.77 -8.19 -7.45
N LEU A 880 -7.77 -9.50 -7.60
CA LEU A 880 -6.50 -10.23 -7.75
C LEU A 880 -6.09 -10.37 -9.20
N SER A 881 -4.83 -10.74 -9.43
CA SER A 881 -4.39 -11.04 -10.80
C SER A 881 -4.94 -12.41 -11.15
N LYS A 882 -4.93 -12.76 -12.44
CA LYS A 882 -5.38 -14.08 -12.86
C LYS A 882 -4.37 -15.16 -12.40
N GLU A 883 -3.08 -14.76 -12.20
CA GLU A 883 -1.99 -15.58 -11.67
C GLU A 883 -2.28 -15.97 -10.22
N ALA A 884 -2.70 -14.99 -9.37
CA ALA A 884 -3.09 -15.20 -7.96
C ALA A 884 -4.32 -16.16 -7.93
N GLY A 885 -5.34 -15.82 -8.71
CA GLY A 885 -6.57 -16.61 -8.85
C GLY A 885 -6.32 -18.03 -9.26
N ARG A 886 -5.36 -18.27 -10.19
CA ARG A 886 -5.00 -19.61 -10.66
C ARG A 886 -4.36 -20.47 -9.55
N TYR A 887 -3.44 -19.91 -8.79
CA TYR A 887 -2.87 -20.57 -7.62
C TYR A 887 -3.82 -20.76 -6.44
N LEU A 888 -4.60 -19.74 -6.15
CA LEU A 888 -5.51 -19.76 -5.05
C LEU A 888 -6.60 -20.78 -5.23
N LEU A 889 -6.98 -21.02 -6.47
CA LEU A 889 -7.94 -22.06 -6.79
C LEU A 889 -7.40 -23.41 -6.36
N LYS A 890 -6.12 -23.64 -6.61
CA LYS A 890 -5.44 -24.82 -6.11
C LYS A 890 -5.37 -24.92 -4.59
N VAL A 891 -5.20 -23.80 -3.90
CA VAL A 891 -5.24 -23.75 -2.46
C VAL A 891 -6.59 -24.11 -1.90
N ALA A 892 -7.65 -23.59 -2.52
CA ALA A 892 -9.03 -23.89 -2.15
C ALA A 892 -9.33 -25.40 -2.28
N LYS A 893 -8.77 -26.06 -3.35
CA LYS A 893 -8.91 -27.49 -3.60
C LYS A 893 -8.14 -28.30 -2.56
N PHE A 894 -6.96 -27.80 -2.12
CA PHE A 894 -6.18 -28.45 -1.05
C PHE A 894 -6.96 -28.39 0.29
N VAL A 895 -7.47 -27.18 0.65
CA VAL A 895 -8.25 -26.95 1.88
C VAL A 895 -9.45 -27.89 1.92
N ASP A 896 -10.19 -28.00 0.81
CA ASP A 896 -11.33 -28.89 0.71
C ASP A 896 -10.94 -30.35 0.85
N ASP A 897 -9.80 -30.75 0.26
CA ASP A 897 -9.32 -32.13 0.41
C ASP A 897 -8.94 -32.41 1.85
N LEU A 898 -8.24 -31.46 2.50
CA LEU A 898 -7.81 -31.53 3.91
C LEU A 898 -9.00 -31.65 4.85
N LEU A 899 -10.04 -30.81 4.64
CA LEU A 899 -11.24 -30.81 5.45
C LEU A 899 -11.89 -32.17 5.40
N GLU A 900 -12.11 -32.68 4.20
CA GLU A 900 -12.78 -33.96 4.01
C GLU A 900 -11.89 -35.16 4.38
N LYS A 901 -10.71 -35.30 3.76
CA LYS A 901 -9.81 -36.45 3.96
C LYS A 901 -9.07 -36.52 5.31
N PHE A 902 -8.68 -35.39 5.89
CA PHE A 902 -7.92 -35.40 7.14
C PHE A 902 -8.77 -35.09 8.36
N TYR A 903 -9.75 -34.17 8.23
CA TYR A 903 -10.58 -33.76 9.34
C TYR A 903 -11.96 -34.37 9.37
N GLY A 904 -12.35 -35.06 8.31
CA GLY A 904 -13.67 -35.65 8.22
C GLY A 904 -14.74 -34.58 8.33
N LEU A 905 -14.46 -33.38 7.81
CA LEU A 905 -15.38 -32.24 7.80
C LEU A 905 -15.90 -31.94 6.38
N PRO A 906 -17.03 -31.22 6.21
CA PRO A 906 -17.48 -30.87 4.84
C PRO A 906 -16.53 -29.92 4.13
N ARG A 907 -16.55 -29.96 2.78
CA ARG A 907 -15.79 -29.07 1.91
C ARG A 907 -16.36 -27.67 2.07
N PHE A 908 -15.53 -26.68 1.82
CA PHE A 908 -15.92 -25.31 2.06
C PHE A 908 -16.04 -24.46 0.82
N TYR A 909 -15.01 -24.45 -0.01
CA TYR A 909 -14.94 -23.64 -1.21
C TYR A 909 -15.76 -24.21 -2.37
N ASN A 910 -15.54 -25.50 -2.70
CA ASN A 910 -16.16 -26.22 -3.83
C ASN A 910 -15.86 -25.52 -5.17
N ALA A 911 -14.65 -24.91 -5.28
CA ALA A 911 -14.26 -24.16 -6.46
C ALA A 911 -13.66 -25.02 -7.60
N GLU A 912 -14.06 -24.72 -8.84
CA GLU A 912 -13.62 -25.37 -10.07
C GLU A 912 -12.95 -24.39 -11.04
N LYS A 913 -13.30 -23.11 -10.90
CA LYS A 913 -12.84 -21.96 -11.67
C LYS A 913 -12.48 -20.90 -10.64
N MET A 914 -11.55 -19.97 -10.97
CA MET A 914 -11.18 -18.92 -10.00
C MET A 914 -12.35 -17.99 -9.62
N GLU A 915 -13.31 -17.78 -10.53
CA GLU A 915 -14.52 -16.95 -10.35
C GLU A 915 -15.40 -17.51 -9.21
N ASP A 916 -15.19 -18.81 -8.84
CA ASP A 916 -15.87 -19.42 -7.71
C ASP A 916 -15.32 -18.86 -6.37
N LEU A 917 -14.14 -18.19 -6.40
CA LEU A 917 -13.52 -17.57 -5.22
C LEU A 917 -14.07 -16.16 -4.90
N ILE A 918 -14.85 -15.55 -5.82
CA ILE A 918 -15.47 -14.22 -5.61
C ILE A 918 -16.37 -14.33 -4.38
N GLY A 919 -16.18 -13.42 -3.43
CA GLY A 919 -16.91 -13.39 -2.17
C GLY A 919 -16.17 -14.05 -1.02
N HIS A 920 -15.21 -14.95 -1.34
CA HIS A 920 -14.38 -15.64 -0.37
C HIS A 920 -13.30 -14.71 0.19
N LEU A 921 -12.83 -15.02 1.40
CA LEU A 921 -11.88 -14.19 2.16
C LEU A 921 -10.43 -14.63 2.11
N VAL A 922 -9.53 -13.63 2.14
CA VAL A 922 -8.09 -13.79 2.15
C VAL A 922 -7.52 -12.99 3.30
N ILE A 923 -6.24 -13.21 3.58
CA ILE A 923 -5.46 -12.42 4.53
C ILE A 923 -4.37 -11.82 3.68
N GLY A 924 -4.28 -10.50 3.73
CA GLY A 924 -3.22 -9.74 3.08
C GLY A 924 -2.19 -9.41 4.13
N LEU A 925 -0.93 -9.80 3.90
CA LEU A 925 0.16 -9.51 4.83
C LEU A 925 1.31 -8.78 4.11
N ALA A 926 1.59 -7.53 4.52
CA ALA A 926 2.68 -6.71 3.99
C ALA A 926 4.04 -7.10 4.62
N PRO A 927 5.20 -6.81 3.96
CA PRO A 927 6.51 -7.15 4.59
C PRO A 927 6.75 -6.40 5.91
N HIS A 928 7.52 -7.01 6.83
CA HIS A 928 7.87 -6.49 8.17
C HIS A 928 6.64 -6.28 9.09
N THR A 929 5.54 -7.01 8.82
CA THR A 929 4.30 -6.91 9.61
C THR A 929 3.82 -8.30 10.02
N SER A 930 3.11 -8.36 11.17
CA SER A 930 2.54 -9.59 11.70
C SER A 930 1.04 -9.46 11.93
N ALA A 931 0.42 -8.39 11.41
CA ALA A 931 -1.03 -8.18 11.49
C ALA A 931 -1.57 -8.23 10.06
N GLY A 932 -2.23 -9.32 9.72
CA GLY A 932 -2.81 -9.46 8.40
C GLY A 932 -4.12 -8.72 8.33
N ILE A 933 -4.59 -8.42 7.12
CA ILE A 933 -5.86 -7.70 6.96
C ILE A 933 -6.80 -8.61 6.21
N VAL A 934 -8.05 -8.75 6.68
CA VAL A 934 -9.04 -9.56 5.96
C VAL A 934 -9.48 -8.81 4.69
N GLY A 935 -9.43 -9.52 3.57
CA GLY A 935 -9.85 -9.00 2.28
C GLY A 935 -10.86 -9.94 1.63
N ARG A 936 -11.77 -9.37 0.83
CA ARG A 936 -12.79 -10.12 0.10
C ARG A 936 -12.48 -10.08 -1.39
N ILE A 937 -12.43 -11.25 -2.05
CA ILE A 937 -12.17 -11.30 -3.50
C ILE A 937 -13.46 -10.85 -4.21
N ILE A 938 -13.37 -9.81 -5.05
CA ILE A 938 -14.53 -9.33 -5.81
C ILE A 938 -14.32 -9.50 -7.33
N GLY A 939 -13.08 -9.76 -7.76
CA GLY A 939 -12.78 -9.93 -9.17
C GLY A 939 -11.34 -10.24 -9.50
N PHE A 940 -11.04 -10.36 -10.81
CA PHE A 940 -9.72 -10.70 -11.35
C PHE A 940 -9.34 -9.84 -12.55
N VAL A 941 -8.03 -9.54 -12.68
CA VAL A 941 -7.50 -8.78 -13.82
C VAL A 941 -6.44 -9.60 -14.57
N ASP A 942 -6.42 -9.50 -15.92
CA ASP A 942 -5.47 -10.23 -16.76
C ASP A 942 -4.00 -9.83 -16.53
N ALA A 943 -3.76 -8.65 -15.93
CA ALA A 943 -2.45 -8.10 -15.57
C ALA A 943 -1.76 -8.86 -14.43
N LEU A 944 -0.45 -8.59 -14.23
CA LEU A 944 0.36 -9.19 -13.16
C LEU A 944 0.20 -8.46 -11.81
N VAL A 945 -0.29 -7.22 -11.82
CA VAL A 945 -0.46 -6.38 -10.64
C VAL A 945 -1.94 -6.32 -10.28
N GLY A 946 -2.28 -6.72 -9.06
CA GLY A 946 -3.65 -6.70 -8.54
C GLY A 946 -3.99 -5.37 -7.92
N TYR A 947 -5.27 -5.17 -7.58
CA TYR A 947 -5.73 -3.90 -7.00
C TYR A 947 -6.36 -4.06 -5.63
N ALA A 948 -6.20 -3.04 -4.81
CA ALA A 948 -6.76 -2.96 -3.47
C ALA A 948 -6.96 -1.49 -3.11
N HIS A 949 -7.88 -1.23 -2.17
CA HIS A 949 -8.18 0.10 -1.66
C HIS A 949 -6.92 0.67 -0.96
N PRO A 950 -6.67 2.02 -1.01
CA PRO A 950 -5.49 2.59 -0.33
C PRO A 950 -5.33 2.22 1.15
N TYR A 951 -6.46 2.05 1.89
CA TYR A 951 -6.50 1.66 3.31
C TYR A 951 -5.93 0.25 3.53
N PHE A 952 -6.19 -0.69 2.61
CA PHE A 952 -5.77 -2.11 2.67
C PHE A 952 -4.24 -2.30 2.66
N HIS A 953 -3.54 -1.54 1.84
CA HIS A 953 -2.08 -1.56 1.77
C HIS A 953 -1.60 -0.11 1.74
N ALA A 954 -1.51 0.50 2.95
CA ALA A 954 -1.22 1.92 3.18
C ALA A 954 0.05 2.44 2.51
N ALA A 955 0.05 3.73 2.11
CA ALA A 955 1.19 4.40 1.49
C ALA A 955 2.39 4.44 2.43
N LYS A 956 2.15 4.41 3.78
CA LYS A 956 3.17 4.39 4.84
C LYS A 956 3.96 3.06 4.81
N ARG A 957 3.25 1.90 4.69
CA ARG A 957 3.85 0.57 4.58
C ARG A 957 4.56 0.44 3.21
N ARG A 958 4.00 1.08 2.16
CA ARG A 958 4.57 1.13 0.81
C ARG A 958 5.81 2.06 0.80
N ASN A 959 5.97 2.90 1.86
CA ASN A 959 7.11 3.79 2.06
C ASN A 959 8.18 3.12 2.94
N CYS A 960 7.80 1.97 3.57
CA CYS A 960 8.66 1.02 4.30
C CYS A 960 9.01 -0.01 3.19
N ASP A 961 8.97 0.54 1.98
CA ASP A 961 9.23 0.20 0.59
C ASP A 961 8.98 -1.27 0.17
N GLY A 962 7.74 -1.70 0.38
CA GLY A 962 7.25 -3.01 0.00
C GLY A 962 5.92 -2.71 -0.65
N ASP A 963 5.86 -2.78 -2.01
CA ASP A 963 4.62 -2.76 -2.82
C ASP A 963 4.12 -4.20 -2.98
N GLU A 964 4.98 -5.14 -2.58
CA GLU A 964 4.67 -6.56 -2.46
C GLU A 964 3.79 -6.89 -1.24
N ASP A 965 2.95 -7.90 -1.39
CA ASP A 965 2.06 -8.38 -0.35
C ASP A 965 2.04 -9.89 -0.42
N ALA A 966 1.72 -10.54 0.67
CA ALA A 966 1.48 -11.95 0.59
C ALA A 966 0.01 -12.14 0.79
N VAL A 967 -0.56 -13.03 0.01
CA VAL A 967 -1.95 -13.36 0.11
C VAL A 967 -2.13 -14.83 0.41
N MET A 968 -2.95 -15.08 1.41
CA MET A 968 -3.31 -16.43 1.87
C MET A 968 -4.82 -16.49 1.87
N LEU A 969 -5.38 -17.69 1.69
CA LEU A 969 -6.82 -17.90 1.89
C LEU A 969 -7.04 -17.93 3.40
N LEU A 970 -8.07 -17.23 3.87
CA LEU A 970 -8.35 -17.17 5.31
C LEU A 970 -8.41 -18.57 5.97
N LEU A 971 -9.26 -19.46 5.48
CA LEU A 971 -9.40 -20.81 6.04
C LEU A 971 -8.09 -21.61 5.96
N ASP A 972 -7.28 -21.45 4.92
CA ASP A 972 -5.97 -22.15 4.86
C ASP A 972 -5.11 -21.75 6.05
N ALA A 973 -5.01 -20.43 6.32
CA ALA A 973 -4.25 -19.91 7.46
C ALA A 973 -4.81 -20.37 8.81
N LEU A 974 -6.12 -20.32 9.02
CA LEU A 974 -6.72 -20.71 10.32
C LEU A 974 -6.49 -22.18 10.68
N LEU A 975 -6.55 -23.05 9.67
CA LEU A 975 -6.32 -24.47 9.84
C LEU A 975 -4.84 -24.81 10.01
N ASN A 976 -4.01 -24.21 9.17
CA ASN A 976 -2.64 -24.65 8.95
C ASN A 976 -1.51 -23.83 9.59
N PHE A 977 -1.77 -22.57 9.98
CA PHE A 977 -0.73 -21.79 10.61
C PHE A 977 -0.53 -22.29 12.06
N SER A 978 0.71 -22.35 12.52
CA SER A 978 1.02 -22.65 13.91
C SER A 978 2.19 -21.80 14.37
N ARG A 979 2.11 -21.27 15.61
CA ARG A 979 3.20 -20.51 16.24
C ARG A 979 4.35 -21.46 16.54
N TYR A 980 4.06 -22.75 16.66
CA TYR A 980 5.04 -23.82 16.89
C TYR A 980 5.93 -24.09 15.66
N TYR A 981 5.63 -23.48 14.50
CA TYR A 981 6.41 -23.58 13.27
C TYR A 981 7.30 -22.32 13.05
N LEU A 982 7.06 -21.24 13.82
CA LEU A 982 7.82 -19.99 13.71
C LEU A 982 9.36 -20.21 13.83
N PRO A 983 10.18 -19.54 12.98
CA PRO A 983 11.65 -19.74 13.08
C PRO A 983 12.19 -19.30 14.44
N GLU A 984 13.14 -20.05 14.97
CA GLU A 984 13.71 -19.73 16.26
C GLU A 984 14.71 -18.59 16.23
N LYS A 985 15.50 -18.47 15.16
CA LYS A 985 16.61 -17.55 15.13
C LYS A 985 16.59 -16.50 14.03
N ARG A 986 16.21 -16.89 12.81
CA ARG A 986 16.23 -15.95 11.68
C ARG A 986 14.93 -15.19 11.55
N GLY A 987 15.05 -13.85 11.47
CA GLY A 987 13.93 -12.93 11.34
C GLY A 987 14.15 -12.31 9.98
N GLY A 988 13.30 -12.65 9.01
CA GLY A 988 13.28 -12.05 7.67
C GLY A 988 12.25 -10.98 7.39
N LYS A 989 12.17 -10.57 6.10
CA LYS A 989 11.26 -9.56 5.51
C LYS A 989 9.81 -10.02 5.67
N MET A 990 9.57 -11.32 5.47
CA MET A 990 8.24 -11.88 5.60
C MET A 990 8.05 -12.52 6.96
N ASP A 991 7.06 -12.01 7.69
CA ASP A 991 6.70 -12.47 9.01
C ASP A 991 5.41 -13.33 8.94
N ALA A 992 4.77 -13.59 10.07
CA ALA A 992 3.60 -14.45 10.13
C ALA A 992 2.32 -13.69 10.49
N PRO A 993 1.12 -14.22 10.18
CA PRO A 993 -0.09 -13.50 10.60
C PRO A 993 -0.36 -13.84 12.08
N LEU A 994 0.23 -13.07 13.02
CA LEU A 994 0.06 -13.26 14.46
C LEU A 994 -1.33 -12.83 14.92
N VAL A 995 -1.96 -11.95 14.16
CA VAL A 995 -3.32 -11.42 14.42
C VAL A 995 -3.85 -10.98 13.07
N ILE A 996 -5.15 -10.87 12.94
CA ILE A 996 -5.79 -10.37 11.73
C ILE A 996 -6.79 -9.29 12.09
N THR A 997 -6.74 -8.20 11.30
CA THR A 997 -7.64 -7.04 11.37
C THR A 997 -8.84 -7.36 10.47
N THR A 998 -10.04 -7.32 11.06
CA THR A 998 -11.29 -7.70 10.43
C THR A 998 -12.10 -6.51 9.94
N ARG A 999 -11.71 -5.28 10.36
CA ARG A 999 -12.39 -4.04 10.00
C ARG A 999 -11.40 -2.95 9.63
N LEU A 1000 -11.68 -2.20 8.54
CA LEU A 1000 -10.88 -1.05 8.09
C LEU A 1000 -11.79 0.19 8.13
N ASP A 1001 -11.99 0.75 9.32
CA ASP A 1001 -12.86 1.91 9.54
C ASP A 1001 -12.13 3.22 9.21
N PRO A 1002 -12.74 4.13 8.40
CA PRO A 1002 -12.08 5.41 8.06
C PRO A 1002 -11.91 6.39 9.24
N ARG A 1016 -9.89 26.28 -2.16
CA ARG A 1016 -10.73 25.90 -3.30
C ARG A 1016 -10.07 26.22 -4.65
N TYR A 1017 -9.43 27.42 -4.77
CA TYR A 1017 -8.76 27.84 -6.02
C TYR A 1017 -7.46 28.63 -5.82
N TYR A 1018 -6.50 28.44 -6.76
CA TYR A 1018 -5.22 29.14 -6.79
C TYR A 1018 -5.39 30.56 -7.32
N PRO A 1019 -4.58 31.54 -6.86
CA PRO A 1019 -4.71 32.90 -7.40
C PRO A 1019 -4.04 33.04 -8.78
N LEU A 1020 -4.30 34.18 -9.47
CA LEU A 1020 -3.74 34.54 -10.78
C LEU A 1020 -2.23 34.42 -10.80
N GLU A 1021 -1.59 34.92 -9.71
CA GLU A 1021 -0.14 34.94 -9.49
C GLU A 1021 0.49 33.55 -9.54
N PHE A 1022 -0.24 32.51 -9.11
CA PHE A 1022 0.21 31.11 -9.21
C PHE A 1022 0.42 30.75 -10.68
N TYR A 1023 -0.63 30.94 -11.51
CA TYR A 1023 -0.63 30.64 -12.96
C TYR A 1023 0.42 31.40 -13.72
N GLU A 1024 0.58 32.70 -13.40
CA GLU A 1024 1.58 33.56 -14.02
C GLU A 1024 2.98 33.13 -13.60
N ALA A 1025 3.15 32.74 -12.32
CA ALA A 1025 4.43 32.27 -11.78
C ALA A 1025 4.90 30.95 -12.39
N THR A 1026 3.98 30.09 -12.92
CA THR A 1026 4.39 28.83 -13.55
C THR A 1026 5.15 29.09 -14.87
N TYR A 1027 4.95 30.28 -15.49
CA TYR A 1027 5.59 30.68 -16.74
C TYR A 1027 7.05 31.13 -16.51
N GLU A 1028 7.39 31.54 -15.26
CA GLU A 1028 8.76 31.96 -14.92
C GLU A 1028 9.66 30.84 -14.37
N LEU A 1029 9.31 29.58 -14.75
CA LEU A 1029 9.83 28.25 -14.43
C LEU A 1029 10.30 27.82 -13.01
N LYS A 1030 9.54 28.27 -12.00
CA LYS A 1030 9.87 28.19 -10.58
C LYS A 1030 9.77 26.73 -10.07
N SER A 1031 10.19 26.51 -8.82
CA SER A 1031 10.10 25.24 -8.08
C SER A 1031 8.89 25.38 -7.12
N PRO A 1032 8.30 24.31 -6.56
CA PRO A 1032 7.15 24.52 -5.65
C PRO A 1032 7.51 25.19 -4.33
N LYS A 1033 8.80 25.19 -3.94
CA LYS A 1033 9.28 25.86 -2.74
C LYS A 1033 9.12 27.37 -2.96
N GLU A 1034 9.53 27.84 -4.16
CA GLU A 1034 9.42 29.24 -4.59
C GLU A 1034 7.95 29.64 -4.79
N LEU A 1035 7.14 28.72 -5.37
CA LEU A 1035 5.72 28.92 -5.67
C LEU A 1035 4.79 28.87 -4.45
N VAL A 1036 5.13 28.09 -3.40
CA VAL A 1036 4.34 28.04 -2.15
C VAL A 1036 4.49 29.41 -1.46
N GLY A 1037 5.70 29.99 -1.58
CA GLY A 1037 6.02 31.34 -1.11
C GLY A 1037 5.17 32.38 -1.82
N VAL A 1038 4.96 32.18 -3.14
CA VAL A 1038 4.14 33.04 -3.98
C VAL A 1038 2.67 33.00 -3.53
N ILE A 1039 2.10 31.80 -3.31
CA ILE A 1039 0.70 31.62 -2.88
C ILE A 1039 0.47 32.15 -1.46
N GLU A 1040 1.42 31.89 -0.53
CA GLU A 1040 1.36 32.31 0.88
C GLU A 1040 1.39 33.83 1.03
N ARG A 1041 2.16 34.51 0.16
CA ARG A 1041 2.26 35.97 0.17
C ARG A 1041 0.97 36.64 -0.35
N VAL A 1042 0.31 36.00 -1.36
CA VAL A 1042 -0.96 36.46 -1.95
C VAL A 1042 -2.09 36.33 -0.91
N GLU A 1043 -2.11 35.21 -0.17
CA GLU A 1043 -3.05 34.99 0.93
C GLU A 1043 -2.40 35.62 2.18
N ASP A 1044 -2.48 36.97 2.23
CA ASP A 1044 -1.91 37.94 3.17
C ASP A 1044 -1.77 37.46 4.60
ZN ZN B . -1.80 -44.76 22.78
ZN ZN C . 20.78 -34.62 32.06
#